data_3DYA
#
_entry.id   3DYA
#
_cell.length_a   117.662
_cell.length_b   153.669
_cell.length_c   155.795
_cell.angle_alpha   90.00
_cell.angle_beta   90.00
_cell.angle_gamma   90.00
#
_symmetry.space_group_name_H-M   'C 2 2 21'
#
loop_
_entity.id
_entity.type
_entity.pdbx_description
1 polymer 'REVERSE TRANSCRIPTASE/RIBONUCLEASE H'
2 polymer 'p51 RT'
3 non-polymer 3-[6-bromo-2-fluoro-3-(1H-pyrazolo[3,4-c]pyridazin-3-ylmethyl)phenoxy]-5-chlorobenzonitrile
4 water water
#
loop_
_entity_poly.entity_id
_entity_poly.type
_entity_poly.pdbx_seq_one_letter_code
_entity_poly.pdbx_strand_id
1 'polypeptide(L)'
;PISPIETVPVKLKPGMDGPKVKQWPLTEEKIKALVEICTEMEKEGKISKIGPENPYNTPVFAIKKKDSTKWRKLVDFREL
NKRTQDFWEVQLGIPHPAGLKKKKSVTVLDVGDAYFSVPLDEDFRKYTAFTIPSINNETPGIRYQYNVLPQGWKGSPAIF
QSSMTKILEPFRKQNPDIVIYQYMDDLYVGSDLEIGQHRTKIEELRQHLLRWGLTTPDKKHQKEPPFLWMGYELHPDKWT
VQPIVLPEKDSWTVNDIQKLVGKLNWASQIYPGIKVRQLCKLLRGTKALTEVIPLTEEAELELAENREILKEPVHGVYYD
PSKDLIAEIQKQGQGQWTYQIYQEPFKNLKTGKYARMRGAHTNDVKQLTEAVQKITTESIVIWGKTPKFKLPIQKETWET
WWTEYWQATWIPEWEFVNTPPLVKLWYQLEKEPIVGAETFYVDGAANRETKLGKAGYVTNRGRQKVVTLTDTTNQKTELQ
AIYLALQDSGLEVNIVTDSQYALGIIQAQPDQSESELVNQIIEQLIKKEKVYLAWVPAHKGIGGNEQVDKLVSAGIRKVL
F
;
A
2 'polypeptide(L)'
;PISPIETVPVKLKPGMDGPKVKQWPLTEEKIKALVEICTEMEKEGKISKIGPENPYNTPVFAIKKKDSTKWRKLVDFREL
NKRTQDFWEVQLGIPHPAGLKKKKSVTVLDVGDAYFSVPLDEDFRKYTAFTIPSINNETPGIRYQYNVLPQGWKGSPAIF
QSSMTKILEPFRKQNPDIVIYQYMDDLYVGSDLEIGQHRTKIEELRQHLLRWGLTTPDKKHQKEPPFLWMGYELHPDKWT
VQPIVLPEKDSWTVNDIQKLVGKLNWASQIYPGIKVRQLCKLLRGTKALTEVIPLTEEAELELAENREILKEPVHGVYYD
PSKDLIAEIQKQGQGQWTYQIYQEPFKNLKTGKYARMRGAHTNDVKQLTEAVQKITTESIVIWGKTPKFKLPIQKETWET
WWTEYWQATWIPEWEFVNTPPLVKLWYQLEKEPIVGAETF
;
B
#
loop_
_chem_comp.id
_chem_comp.type
_chem_comp.name
_chem_comp.formula
PZL non-polymer 3-[6-bromo-2-fluoro-3-(1H-pyrazolo[3,4-c]pyridazin-3-ylmethyl)phenoxy]-5-chlorobenzonitrile 'C19 H10 Br Cl F N5 O'
#
# COMPACT_ATOMS: atom_id res chain seq x y z
N PRO A 1 28.04 33.17 -8.85
CA PRO A 1 26.90 34.02 -8.53
C PRO A 1 26.06 33.51 -7.37
N ILE A 2 25.12 34.33 -6.94
CA ILE A 2 24.11 33.94 -5.99
C ILE A 2 22.79 34.31 -6.65
N SER A 3 21.93 33.33 -6.84
CA SER A 3 20.68 33.52 -7.52
C SER A 3 19.88 34.67 -6.90
N PRO A 4 19.29 35.53 -7.74
CA PRO A 4 18.34 36.54 -7.27
C PRO A 4 16.98 35.98 -6.85
N ILE A 5 16.73 34.70 -7.13
CA ILE A 5 15.48 34.03 -6.76
C ILE A 5 15.16 34.36 -5.31
N GLU A 6 13.88 34.57 -5.01
CA GLU A 6 13.46 34.81 -3.65
C GLU A 6 13.83 33.61 -2.78
N THR A 7 13.91 33.85 -1.47
CA THR A 7 14.30 32.81 -0.54
C THR A 7 13.09 31.99 -0.07
N VAL A 8 13.40 30.81 0.45
CA VAL A 8 12.44 29.97 1.12
C VAL A 8 12.50 30.27 2.62
N PRO A 9 11.37 30.67 3.23
CA PRO A 9 11.35 30.87 4.66
C PRO A 9 11.49 29.56 5.43
N VAL A 10 12.29 29.60 6.48
CA VAL A 10 12.80 28.42 7.15
C VAL A 10 12.73 28.62 8.65
N LYS A 11 12.27 27.59 9.37
CA LYS A 11 12.11 27.65 10.81
C LYS A 11 12.93 26.59 11.51
N LEU A 12 13.23 26.84 12.77
CA LEU A 12 13.63 25.79 13.66
C LEU A 12 12.37 25.08 14.08
N LYS A 13 12.52 23.91 14.71
CA LYS A 13 11.40 23.14 15.19
C LYS A 13 10.77 23.87 16.40
N PRO A 14 9.42 23.84 16.50
CA PRO A 14 8.59 24.68 17.38
C PRO A 14 9.18 25.07 18.74
N GLY A 15 9.69 24.10 19.49
CA GLY A 15 10.17 24.41 20.84
C GLY A 15 11.66 24.67 20.98
N MET A 16 12.33 24.93 19.86
CA MET A 16 13.80 24.88 19.84
C MET A 16 14.46 26.18 19.46
N ASP A 17 15.53 26.51 20.18
CA ASP A 17 16.41 27.62 19.85
C ASP A 17 17.57 27.10 18.99
N GLY A 18 18.30 28.00 18.34
CA GLY A 18 19.45 27.64 17.51
C GLY A 18 20.62 27.07 18.31
N PRO A 19 21.60 26.48 17.61
CA PRO A 19 22.70 25.77 18.27
C PRO A 19 23.73 26.71 18.91
N LYS A 20 24.28 26.30 20.06
CA LYS A 20 25.36 27.03 20.74
C LYS A 20 26.44 26.02 21.08
N VAL A 21 27.17 25.55 20.07
CA VAL A 21 28.15 24.51 20.27
C VAL A 21 29.54 25.15 20.30
N LYS A 22 30.37 24.69 21.22
CA LYS A 22 31.58 25.42 21.56
C LYS A 22 32.71 25.03 20.62
N GLN A 23 33.34 26.03 20.00
CA GLN A 23 34.47 25.79 19.09
C GLN A 23 35.70 25.31 19.85
N TRP A 24 36.14 24.10 19.53
CA TRP A 24 37.38 23.55 20.05
C TRP A 24 38.60 24.31 19.48
N PRO A 25 39.60 24.63 20.34
CA PRO A 25 40.79 25.32 19.81
C PRO A 25 41.53 24.47 18.78
N LEU A 26 42.04 25.13 17.75
CA LEU A 26 42.53 24.45 16.57
C LEU A 26 44.00 24.71 16.34
N THR A 27 44.64 23.77 15.66
CA THR A 27 46.01 23.92 15.19
C THR A 27 46.19 25.22 14.40
N GLU A 28 47.41 25.76 14.41
CA GLU A 28 47.72 27.00 13.67
C GLU A 28 47.49 26.90 12.14
N GLU A 29 47.88 25.77 11.57
CA GLU A 29 47.74 25.53 10.14
C GLU A 29 46.27 25.50 9.71
N LYS A 30 45.45 24.86 10.53
CA LYS A 30 44.01 24.78 10.29
C LYS A 30 43.38 26.15 10.38
N ILE A 31 43.75 26.91 11.43
CA ILE A 31 43.22 28.28 11.61
C ILE A 31 43.54 29.13 10.37
N LYS A 32 44.76 29.00 9.89
CA LYS A 32 45.27 29.78 8.75
C LYS A 32 44.51 29.38 7.48
N ALA A 33 44.39 28.08 7.25
CA ALA A 33 43.62 27.57 6.12
C ALA A 33 42.19 28.08 6.13
N LEU A 34 41.54 28.01 7.28
CA LEU A 34 40.17 28.49 7.41
C LEU A 34 40.09 29.99 7.11
N VAL A 35 41.01 30.77 7.67
CA VAL A 35 40.99 32.24 7.44
C VAL A 35 41.08 32.53 5.94
N GLU A 36 41.98 31.86 5.26
CA GLU A 36 42.10 32.00 3.81
C GLU A 36 40.85 31.54 3.05
N ILE A 37 40.31 30.36 3.39
CA ILE A 37 39.06 29.90 2.77
C ILE A 37 37.91 30.88 3.01
N CYS A 38 37.75 31.34 4.24
CA CYS A 38 36.63 32.23 4.60
C CYS A 38 36.71 33.63 4.01
N THR A 39 37.93 34.16 3.93
CA THR A 39 38.17 35.44 3.27
C THR A 39 37.68 35.41 1.81
N GLU A 40 38.06 34.37 1.08
CA GLU A 40 37.63 34.24 -0.32
C GLU A 40 36.09 34.08 -0.46
N MET A 41 35.48 33.27 0.40
CA MET A 41 34.04 33.08 0.40
C MET A 41 33.34 34.37 0.75
N GLU A 42 33.86 35.07 1.76
CA GLU A 42 33.33 36.39 2.16
C GLU A 42 33.27 37.40 1.01
N LYS A 43 34.32 37.40 0.20
CA LYS A 43 34.42 38.31 -0.93
C LYS A 43 33.49 37.94 -2.10
N GLU A 44 32.94 36.72 -2.06
CA GLU A 44 31.96 36.31 -3.08
C GLU A 44 30.51 36.40 -2.58
N GLY A 45 30.33 36.80 -1.33
CA GLY A 45 29.00 36.95 -0.76
C GLY A 45 28.48 35.74 -0.01
N LYS A 46 29.20 34.62 -0.08
CA LYS A 46 28.76 33.34 0.50
C LYS A 46 28.57 33.43 2.02
N ILE A 47 29.54 34.06 2.68
CA ILE A 47 29.50 34.26 4.12
C ILE A 47 29.69 35.75 4.43
N SER A 48 29.32 36.15 5.64
CA SER A 48 29.42 37.54 6.10
C SER A 48 29.88 37.52 7.54
N LYS A 49 30.83 38.41 7.86
CA LYS A 49 31.32 38.62 9.23
C LYS A 49 30.18 39.16 10.07
N ILE A 50 30.05 38.67 11.30
CA ILE A 50 28.92 39.08 12.17
C ILE A 50 29.36 39.62 13.54
N GLY A 51 28.46 40.40 14.13
CA GLY A 51 28.69 41.04 15.43
C GLY A 51 28.78 40.08 16.60
N PRO A 52 28.99 40.63 17.81
CA PRO A 52 29.23 39.81 18.99
C PRO A 52 27.94 39.39 19.63
N GLU A 53 26.86 40.12 19.30
CA GLU A 53 25.55 39.84 19.85
C GLU A 53 25.06 38.44 19.49
N ASN A 54 25.28 37.98 18.25
CA ASN A 54 24.84 36.64 17.80
C ASN A 54 25.38 35.55 18.74
N PRO A 55 24.47 34.84 19.45
CA PRO A 55 24.81 33.83 20.46
C PRO A 55 25.00 32.40 19.97
N TYR A 56 24.76 32.17 18.68
CA TYR A 56 24.77 30.81 18.13
C TYR A 56 26.15 30.44 17.63
N ASN A 57 26.46 29.16 17.70
CA ASN A 57 27.69 28.65 17.13
C ASN A 57 27.63 27.18 16.69
N THR A 58 28.38 26.90 15.64
CA THR A 58 28.59 25.53 15.13
C THR A 58 30.10 25.33 14.89
N PRO A 59 30.65 24.17 15.31
CA PRO A 59 32.06 23.82 15.10
C PRO A 59 32.51 23.85 13.64
N VAL A 60 33.73 24.37 13.42
CA VAL A 60 34.38 24.30 12.10
C VAL A 60 35.64 23.47 12.22
N PHE A 61 35.97 22.79 11.13
CA PHE A 61 37.19 22.01 11.07
C PHE A 61 37.83 22.25 9.72
N ALA A 62 39.10 21.89 9.58
CA ALA A 62 39.76 21.95 8.29
C ALA A 62 40.50 20.65 8.08
N ILE A 63 40.41 20.11 6.88
CA ILE A 63 41.18 18.93 6.50
C ILE A 63 41.74 19.12 5.10
N LYS A 64 42.93 18.57 4.86
CA LYS A 64 43.52 18.46 3.53
C LYS A 64 42.76 17.49 2.61
N THR A 69 46.91 19.03 -2.10
CA THR A 69 47.42 19.93 -1.06
C THR A 69 46.46 21.10 -0.75
N LYS A 70 45.22 21.00 -1.26
CA LYS A 70 44.16 21.96 -0.94
C LYS A 70 43.56 21.64 0.42
N TRP A 71 43.19 22.70 1.14
CA TRP A 71 42.47 22.56 2.39
C TRP A 71 40.99 22.67 2.12
N ARG A 72 40.20 21.93 2.90
CA ARG A 72 38.74 22.02 2.85
C ARG A 72 38.19 22.37 4.21
N LYS A 73 37.18 23.22 4.19
CA LYS A 73 36.49 23.63 5.39
C LYS A 73 35.34 22.66 5.60
N LEU A 74 35.29 22.04 6.78
CA LEU A 74 34.13 21.24 7.20
C LEU A 74 33.36 21.89 8.35
N VAL A 75 32.09 22.21 8.11
CA VAL A 75 31.20 22.65 9.16
C VAL A 75 30.35 21.47 9.64
N ASP A 76 30.30 21.31 10.96
CA ASP A 76 29.57 20.23 11.58
C ASP A 76 28.18 20.72 11.95
N PHE A 77 27.22 20.53 11.05
CA PHE A 77 25.86 21.01 11.29
C PHE A 77 24.95 19.98 12.01
N ARG A 78 25.53 18.97 12.64
CA ARG A 78 24.73 17.96 13.35
C ARG A 78 23.67 18.57 14.24
N GLU A 79 24.03 19.57 15.05
CA GLU A 79 23.08 20.16 16.02
C GLU A 79 22.02 21.03 15.43
N LEU A 80 22.44 21.92 14.54
CA LEU A 80 21.53 22.73 13.75
C LEU A 80 20.54 21.84 12.99
N ASN A 81 21.06 20.77 12.37
CA ASN A 81 20.24 19.78 11.64
C ASN A 81 19.15 19.14 12.52
N LYS A 82 19.51 18.77 13.75
CA LYS A 82 18.52 18.35 14.73
C LYS A 82 17.48 19.43 15.05
N ARG A 83 17.89 20.69 14.98
CA ARG A 83 17.03 21.82 15.36
C ARG A 83 16.22 22.41 14.22
N THR A 84 16.53 22.06 12.98
CA THR A 84 15.82 22.69 11.89
C THR A 84 14.58 21.86 11.49
N GLN A 85 13.57 22.56 11.03
CA GLN A 85 12.32 21.95 10.61
C GLN A 85 12.53 20.81 9.64
N ASP A 86 11.50 19.98 9.50
CA ASP A 86 11.49 18.99 8.44
C ASP A 86 11.12 19.69 7.15
N PHE A 87 11.63 19.13 6.06
CA PHE A 87 11.32 19.59 4.74
C PHE A 87 10.66 18.43 4.06
N TRP A 88 9.96 18.73 2.97
CA TRP A 88 9.40 17.70 2.14
C TRP A 88 10.50 16.91 1.45
N GLU A 89 10.23 15.63 1.21
CA GLU A 89 11.13 14.77 0.48
C GLU A 89 11.52 15.33 -0.89
N VAL A 90 12.79 15.14 -1.26
CA VAL A 90 13.28 15.64 -2.54
C VAL A 90 12.58 14.88 -3.67
N GLN A 91 12.63 13.55 -3.65
CA GLN A 91 12.03 12.73 -4.72
C GLN A 91 11.34 11.42 -4.26
N LEU A 92 10.27 11.06 -4.97
CA LEU A 92 9.55 9.80 -4.73
C LEU A 92 10.36 8.61 -5.26
N GLY A 93 11.30 8.89 -6.16
CA GLY A 93 12.10 7.87 -6.83
C GLY A 93 13.21 8.44 -7.69
N ILE A 94 13.76 7.58 -8.53
CA ILE A 94 14.89 7.92 -9.39
C ILE A 94 14.55 7.49 -10.82
N PRO A 95 14.97 8.27 -11.83
CA PRO A 95 14.67 7.86 -13.21
C PRO A 95 15.26 6.49 -13.54
N HIS A 96 14.48 5.66 -14.21
CA HIS A 96 14.99 4.44 -14.79
C HIS A 96 15.26 4.63 -16.28
N PRO A 97 16.43 4.21 -16.77
CA PRO A 97 16.72 4.32 -18.20
C PRO A 97 15.64 3.75 -19.16
N ALA A 98 15.05 2.61 -18.78
CA ALA A 98 13.96 1.99 -19.56
C ALA A 98 12.75 2.92 -19.77
N GLY A 99 12.60 3.91 -18.89
CA GLY A 99 11.51 4.91 -18.99
C GLY A 99 11.79 6.12 -19.87
N LEU A 100 13.05 6.26 -20.30
CA LEU A 100 13.48 7.34 -21.21
C LEU A 100 13.00 7.13 -22.66
N LYS A 101 12.44 8.17 -23.25
CA LYS A 101 12.15 8.19 -24.69
C LYS A 101 13.40 8.55 -25.47
N LYS A 102 13.70 7.83 -26.54
CA LYS A 102 14.86 8.15 -27.38
C LYS A 102 14.74 9.58 -27.97
N LYS A 103 15.77 10.40 -27.80
CA LYS A 103 15.80 11.74 -28.43
C LYS A 103 16.86 11.77 -29.51
N LYS A 104 16.65 12.61 -30.51
CA LYS A 104 17.71 12.82 -31.51
C LYS A 104 18.97 13.32 -30.81
N SER A 105 18.78 14.29 -29.91
CA SER A 105 19.91 14.92 -29.23
C SER A 105 19.61 15.21 -27.76
N VAL A 106 20.62 14.98 -26.92
CA VAL A 106 20.53 15.07 -25.47
C VAL A 106 21.83 15.71 -24.94
N THR A 107 21.68 16.62 -23.97
CA THR A 107 22.80 17.30 -23.32
C THR A 107 22.73 17.16 -21.80
N VAL A 108 23.88 16.88 -21.19
CA VAL A 108 24.05 16.96 -19.73
C VAL A 108 24.63 18.33 -19.30
N LEU A 109 23.88 19.03 -18.45
CA LEU A 109 24.36 20.23 -17.77
C LEU A 109 24.42 20.02 -16.26
N ASP A 110 25.61 20.07 -15.67
CA ASP A 110 25.75 20.13 -14.20
C ASP A 110 25.96 21.57 -13.72
N VAL A 111 25.13 21.99 -12.78
CA VAL A 111 25.22 23.31 -12.19
C VAL A 111 26.50 23.41 -11.34
N GLY A 112 27.27 24.48 -11.54
CA GLY A 112 28.52 24.69 -10.80
C GLY A 112 28.25 25.31 -9.44
N ASP A 113 28.92 24.80 -8.40
CA ASP A 113 28.73 25.28 -7.02
C ASP A 113 27.25 25.51 -6.66
N ALA A 114 26.45 24.46 -6.84
CA ALA A 114 24.99 24.50 -6.74
C ALA A 114 24.48 25.18 -5.49
N TYR A 115 24.87 24.65 -4.33
CA TYR A 115 24.34 25.11 -3.05
C TYR A 115 24.74 26.57 -2.76
N PHE A 116 25.99 26.91 -3.06
CA PHE A 116 26.50 28.26 -2.81
C PHE A 116 25.96 29.33 -3.78
N SER A 117 25.26 28.92 -4.83
CA SER A 117 24.60 29.81 -5.77
C SER A 117 23.13 30.04 -5.46
N VAL A 118 22.70 29.71 -4.24
CA VAL A 118 21.33 29.91 -3.82
C VAL A 118 21.31 30.55 -2.42
N PRO A 119 20.53 31.63 -2.24
CA PRO A 119 20.48 32.38 -0.98
C PRO A 119 19.74 31.69 0.17
N LEU A 120 20.20 31.96 1.38
CA LEU A 120 19.52 31.45 2.57
C LEU A 120 18.58 32.53 3.13
N ASP A 121 17.40 32.11 3.60
CA ASP A 121 16.45 32.98 4.32
C ASP A 121 17.21 33.87 5.30
N GLU A 122 17.05 35.19 5.16
CA GLU A 122 17.77 36.16 6.03
C GLU A 122 17.47 35.94 7.51
N ASP A 123 16.22 35.56 7.79
CA ASP A 123 15.78 35.30 9.17
C ASP A 123 16.42 34.04 9.75
N PHE A 124 16.98 33.19 8.90
CA PHE A 124 17.58 31.93 9.36
C PHE A 124 19.10 31.96 9.45
N ARG A 125 19.75 32.85 8.70
CA ARG A 125 21.24 32.94 8.62
C ARG A 125 21.96 32.93 9.94
N LYS A 126 21.43 33.67 10.91
CA LYS A 126 22.03 33.74 12.25
C LYS A 126 22.29 32.38 12.88
N TYR A 127 21.44 31.38 12.58
CA TYR A 127 21.61 30.04 13.15
C TYR A 127 22.85 29.32 12.63
N THR A 128 23.44 29.82 11.52
CA THR A 128 24.57 29.18 10.83
C THR A 128 25.93 29.73 11.26
N ALA A 129 25.96 30.41 12.41
CA ALA A 129 27.14 31.08 12.91
C ALA A 129 28.27 30.09 13.17
N PHE A 130 29.48 30.43 12.74
CA PHE A 130 30.66 29.68 13.13
C PHE A 130 31.82 30.63 13.45
N THR A 131 32.79 30.09 14.18
CA THR A 131 33.86 30.89 14.76
C THR A 131 35.21 30.30 14.36
N ILE A 132 36.01 31.08 13.65
CA ILE A 132 37.45 30.74 13.51
C ILE A 132 38.18 31.17 14.79
N PRO A 133 38.66 30.21 15.58
CA PRO A 133 39.23 30.57 16.86
C PRO A 133 40.60 31.19 16.67
N SER A 134 40.99 32.08 17.59
CA SER A 134 42.35 32.63 17.60
C SER A 134 43.34 31.62 18.16
N ILE A 135 44.62 31.83 17.89
CA ILE A 135 45.66 30.88 18.34
C ILE A 135 45.60 30.70 19.86
N ASN A 136 45.54 29.44 20.30
CA ASN A 136 45.30 29.05 21.69
C ASN A 136 44.08 29.73 22.33
N ASN A 137 43.07 30.00 21.49
CA ASN A 137 41.86 30.74 21.87
C ASN A 137 42.04 31.92 22.85
N GLU A 138 43.16 32.62 22.73
CA GLU A 138 43.49 33.73 23.63
C GLU A 138 42.54 34.92 23.39
N THR A 139 42.31 35.26 22.11
CA THR A 139 41.46 36.40 21.73
C THR A 139 40.19 35.97 20.98
N PRO A 140 39.18 36.86 20.94
CA PRO A 140 37.96 36.60 20.16
C PRO A 140 38.21 36.08 18.73
N GLY A 141 37.50 35.01 18.37
CA GLY A 141 37.60 34.45 17.03
C GLY A 141 36.97 35.35 15.99
N ILE A 142 37.18 35.01 14.73
CA ILE A 142 36.51 35.70 13.64
C ILE A 142 35.18 34.95 13.41
N ARG A 143 34.10 35.72 13.34
CA ARG A 143 32.75 35.16 13.34
C ARG A 143 32.13 35.39 11.98
N TYR A 144 31.52 34.33 11.46
CA TYR A 144 30.84 34.38 10.18
C TYR A 144 29.47 33.73 10.30
N GLN A 145 28.61 34.04 9.33
CA GLN A 145 27.38 33.32 9.12
C GLN A 145 27.22 33.18 7.62
N TYR A 146 26.55 32.11 7.20
CA TYR A 146 26.22 31.83 5.80
C TYR A 146 25.16 32.74 5.23
N ASN A 147 25.33 33.12 3.97
CA ASN A 147 24.30 33.84 3.22
C ASN A 147 23.64 32.96 2.18
N VAL A 148 24.18 31.74 2.05
CA VAL A 148 23.77 30.76 1.07
C VAL A 148 23.60 29.38 1.73
N LEU A 149 23.10 28.42 0.96
CA LEU A 149 22.82 27.07 1.46
C LEU A 149 24.11 26.35 1.83
N PRO A 150 24.31 26.08 3.13
CA PRO A 150 25.55 25.43 3.49
C PRO A 150 25.60 23.96 3.07
N GLN A 151 26.82 23.51 2.78
CA GLN A 151 27.09 22.12 2.56
C GLN A 151 26.87 21.36 3.87
N GLY A 152 26.06 20.31 3.81
CA GLY A 152 25.84 19.44 4.98
C GLY A 152 24.66 19.87 5.84
N TRP A 153 23.95 20.92 5.41
CA TRP A 153 22.79 21.37 6.13
C TRP A 153 21.54 20.71 5.54
N LYS A 154 20.68 20.25 6.46
CA LYS A 154 19.47 19.49 6.20
C LYS A 154 18.56 20.09 5.14
N GLY A 155 18.46 21.41 5.10
CA GLY A 155 17.60 22.08 4.15
C GLY A 155 18.13 22.26 2.74
N SER A 156 19.43 22.11 2.54
CA SER A 156 20.09 22.49 1.24
C SER A 156 19.61 21.71 0.00
N PRO A 157 19.51 20.38 0.11
CA PRO A 157 19.01 19.64 -1.05
C PRO A 157 17.59 20.02 -1.49
N ALA A 158 16.68 20.21 -0.54
CA ALA A 158 15.29 20.54 -0.86
C ALA A 158 15.15 21.98 -1.41
N ILE A 159 15.76 22.94 -0.70
CA ILE A 159 15.68 24.34 -1.11
C ILE A 159 16.35 24.52 -2.48
N PHE A 160 17.50 23.91 -2.71
CA PHE A 160 18.08 23.93 -4.04
C PHE A 160 17.12 23.42 -5.12
N GLN A 161 16.58 22.21 -4.90
CA GLN A 161 15.71 21.59 -5.87
C GLN A 161 14.58 22.49 -6.23
N SER A 162 13.90 23.04 -5.24
CA SER A 162 12.74 23.91 -5.51
C SER A 162 13.12 25.27 -6.11
N SER A 163 14.36 25.70 -5.88
CA SER A 163 14.83 26.93 -6.52
C SER A 163 14.95 26.67 -8.00
N MET A 164 15.51 25.52 -8.38
CA MET A 164 15.67 25.16 -9.79
C MET A 164 14.32 24.95 -10.47
N THR A 165 13.38 24.32 -9.77
CA THR A 165 12.05 24.12 -10.32
C THR A 165 11.41 25.45 -10.71
N LYS A 166 11.39 26.41 -9.77
CA LYS A 166 10.85 27.77 -10.03
C LYS A 166 11.51 28.43 -11.23
N ILE A 167 12.83 28.38 -11.22
CA ILE A 167 13.65 28.96 -12.25
C ILE A 167 13.39 28.33 -13.61
N LEU A 168 13.27 27.00 -13.65
CA LEU A 168 13.01 26.30 -14.91
C LEU A 168 11.59 26.53 -15.42
N GLU A 169 10.64 26.79 -14.53
CA GLU A 169 9.23 26.85 -14.88
C GLU A 169 8.91 27.65 -16.16
N PRO A 170 9.32 28.94 -16.22
CA PRO A 170 9.07 29.73 -17.43
C PRO A 170 9.65 29.12 -18.71
N PHE A 171 10.87 28.60 -18.62
CA PHE A 171 11.54 28.01 -19.79
C PHE A 171 10.80 26.78 -20.32
N ARG A 172 10.15 26.04 -19.42
CA ARG A 172 9.36 24.85 -19.80
C ARG A 172 8.09 25.26 -20.51
N LYS A 173 7.42 26.29 -19.99
CA LYS A 173 6.17 26.78 -20.59
C LYS A 173 6.36 27.24 -22.04
N GLN A 174 7.46 27.93 -22.31
CA GLN A 174 7.77 28.40 -23.65
C GLN A 174 8.33 27.29 -24.55
N ASN A 175 8.79 26.19 -23.97
CA ASN A 175 9.44 25.12 -24.75
C ASN A 175 8.95 23.74 -24.32
N PRO A 176 7.63 23.51 -24.43
CA PRO A 176 6.96 22.36 -23.80
C PRO A 176 7.34 20.98 -24.34
N ASP A 177 8.13 20.89 -25.39
CA ASP A 177 8.58 19.59 -25.94
C ASP A 177 10.09 19.36 -25.83
N ILE A 178 10.76 20.18 -25.03
CA ILE A 178 12.12 19.88 -24.60
C ILE A 178 11.99 19.13 -23.26
N VAL A 179 12.69 18.01 -23.15
CA VAL A 179 12.66 17.23 -21.92
C VAL A 179 13.78 17.71 -21.03
N ILE A 180 13.42 18.09 -19.82
CA ILE A 180 14.39 18.41 -18.78
C ILE A 180 14.15 17.53 -17.57
N TYR A 181 15.08 16.61 -17.36
CA TYR A 181 15.17 15.85 -16.13
C TYR A 181 16.01 16.58 -15.09
N GLN A 182 15.43 16.79 -13.91
CA GLN A 182 16.15 17.31 -12.74
C GLN A 182 16.66 16.16 -11.84
N TYR A 183 17.94 16.16 -11.51
CA TYR A 183 18.52 15.17 -10.65
C TYR A 183 19.72 15.77 -9.92
N MET A 184 19.57 16.00 -8.62
CA MET A 184 20.61 16.63 -7.82
C MET A 184 21.07 17.96 -8.49
N ASP A 185 22.38 18.10 -8.76
CA ASP A 185 22.92 19.33 -9.38
C ASP A 185 22.79 19.32 -10.88
N ASP A 186 22.15 18.29 -11.42
CA ASP A 186 22.22 18.01 -12.84
C ASP A 186 20.92 18.33 -13.50
N LEU A 187 21.05 18.59 -14.78
CA LEU A 187 19.93 18.87 -15.63
C LEU A 187 20.23 17.99 -16.85
N TYR A 188 19.27 17.19 -17.31
CA TYR A 188 19.49 16.36 -18.50
C TYR A 188 18.45 16.79 -19.49
N VAL A 189 18.90 17.17 -20.66
CA VAL A 189 18.07 17.93 -21.61
C VAL A 189 18.06 17.21 -22.95
N GLY A 190 16.86 16.96 -23.45
CA GLY A 190 16.67 16.14 -24.65
C GLY A 190 15.66 16.75 -25.59
N SER A 191 15.98 16.71 -26.89
CA SER A 191 15.09 17.22 -27.92
C SER A 191 15.13 16.35 -29.17
N ASP A 192 14.11 16.51 -30.01
CA ASP A 192 14.10 15.92 -31.36
C ASP A 192 14.46 16.96 -32.45
N LEU A 193 15.19 18.01 -32.05
CA LEU A 193 15.67 19.04 -32.98
C LEU A 193 16.95 18.57 -33.65
N GLU A 194 17.20 19.06 -34.86
CA GLU A 194 18.46 18.86 -35.56
C GLU A 194 19.58 19.46 -34.74
N ILE A 195 20.79 18.93 -34.89
CA ILE A 195 21.90 19.30 -34.03
C ILE A 195 21.90 20.81 -33.70
N GLY A 196 21.87 21.66 -34.72
CA GLY A 196 22.05 23.11 -34.54
C GLY A 196 20.90 23.83 -33.85
N GLN A 197 19.68 23.38 -34.09
CA GLN A 197 18.51 23.91 -33.39
C GLN A 197 18.57 23.61 -31.89
N HIS A 198 19.19 22.49 -31.54
CA HIS A 198 19.30 22.01 -30.15
C HIS A 198 20.37 22.80 -29.42
N ARG A 199 21.57 22.79 -30.01
CA ARG A 199 22.72 23.59 -29.54
C ARG A 199 22.35 25.03 -29.20
N THR A 200 21.41 25.56 -29.98
CA THR A 200 20.91 26.93 -29.81
C THR A 200 19.87 27.03 -28.71
N LYS A 201 19.03 26.00 -28.61
CA LYS A 201 18.04 25.88 -27.53
C LYS A 201 18.75 25.71 -26.18
N ILE A 202 19.88 25.01 -26.18
CA ILE A 202 20.66 24.78 -24.99
C ILE A 202 21.29 26.07 -24.50
N GLU A 203 21.83 26.82 -25.46
CA GLU A 203 22.39 28.16 -25.19
C GLU A 203 21.40 29.10 -24.54
N GLU A 204 20.15 29.12 -24.99
CA GLU A 204 19.16 29.98 -24.33
C GLU A 204 18.65 29.44 -22.99
N LEU A 205 18.77 28.13 -22.77
CA LEU A 205 18.57 27.55 -21.44
C LEU A 205 19.72 27.96 -20.53
N ARG A 206 20.94 27.70 -20.97
CA ARG A 206 22.13 28.15 -20.26
C ARG A 206 22.06 29.66 -19.89
N GLN A 207 21.56 30.47 -20.81
CA GLN A 207 21.47 31.91 -20.58
C GLN A 207 20.36 32.21 -19.62
N HIS A 208 19.21 31.57 -19.81
CA HIS A 208 18.11 31.69 -18.85
C HIS A 208 18.57 31.30 -17.44
N LEU A 209 19.39 30.26 -17.36
CA LEU A 209 19.92 29.79 -16.07
C LEU A 209 20.90 30.82 -15.50
N LEU A 210 21.82 31.31 -16.32
CA LEU A 210 22.83 32.29 -15.86
C LEU A 210 22.20 33.60 -15.36
N ARG A 211 21.06 33.97 -15.93
CA ARG A 211 20.29 35.09 -15.41
C ARG A 211 19.80 34.90 -13.98
N TRP A 212 19.71 33.65 -13.55
CA TRP A 212 19.19 33.28 -12.24
C TRP A 212 20.28 32.75 -11.32
N GLY A 213 21.53 33.04 -11.66
CA GLY A 213 22.65 32.80 -10.76
C GLY A 213 23.31 31.45 -10.93
N LEU A 214 22.83 30.68 -11.90
CA LEU A 214 23.29 29.29 -12.07
C LEU A 214 24.16 29.13 -13.30
N THR A 215 25.42 28.80 -13.07
CA THR A 215 26.39 28.55 -14.13
C THR A 215 26.40 27.06 -14.49
N THR A 216 26.92 26.78 -15.68
CA THR A 216 26.73 25.50 -16.35
C THR A 216 27.92 25.28 -17.29
N PRO A 217 28.22 24.01 -17.65
CA PRO A 217 29.33 23.84 -18.59
C PRO A 217 29.05 24.28 -20.03
N ASP A 218 30.09 24.91 -20.59
CA ASP A 218 30.29 25.16 -22.02
C ASP A 218 30.02 23.95 -22.92
N LYS A 219 29.72 24.21 -24.20
CA LYS A 219 29.70 23.17 -25.23
C LYS A 219 31.04 22.44 -25.42
N LYS A 220 32.13 23.05 -24.98
CA LYS A 220 33.44 22.40 -25.08
C LYS A 220 33.69 21.47 -23.90
N HIS A 221 32.90 21.66 -22.84
CA HIS A 221 33.11 20.95 -21.59
C HIS A 221 32.02 19.93 -21.30
N GLN A 222 30.89 20.06 -21.99
CA GLN A 222 29.79 19.10 -21.91
C GLN A 222 30.25 17.67 -22.21
N LYS A 223 29.75 16.73 -21.40
CA LYS A 223 29.96 15.31 -21.63
C LYS A 223 29.40 14.87 -22.98
N GLU A 224 30.02 13.84 -23.56
CA GLU A 224 29.53 13.19 -24.78
C GLU A 224 29.00 11.79 -24.48
N PRO A 225 27.96 11.35 -25.21
CA PRO A 225 27.50 9.95 -25.09
C PRO A 225 28.59 8.95 -25.46
N PRO A 226 28.59 7.77 -24.83
CA PRO A 226 27.67 7.29 -23.79
C PRO A 226 27.83 7.94 -22.39
N PHE A 227 26.70 8.21 -21.73
CA PHE A 227 26.74 8.72 -20.36
C PHE A 227 26.83 7.57 -19.38
N LEU A 228 27.84 7.63 -18.52
CA LEU A 228 27.97 6.75 -17.39
C LEU A 228 27.24 7.44 -16.24
N TRP A 229 26.08 6.92 -15.89
CA TRP A 229 25.20 7.59 -14.93
C TRP A 229 24.62 6.60 -13.97
N MET A 230 24.99 6.71 -12.69
CA MET A 230 24.28 5.98 -11.63
C MET A 230 24.29 4.47 -11.85
N GLY A 231 25.42 3.99 -12.34
CA GLY A 231 25.62 2.57 -12.59
C GLY A 231 25.12 2.07 -13.92
N TYR A 232 24.59 2.97 -14.75
CA TYR A 232 24.13 2.62 -16.09
C TYR A 232 25.05 3.19 -17.16
N GLU A 233 24.89 2.72 -18.39
CA GLU A 233 25.50 3.34 -19.58
C GLU A 233 24.38 3.70 -20.52
N LEU A 234 24.27 4.98 -20.86
CA LEU A 234 23.20 5.50 -21.69
C LEU A 234 23.75 5.88 -23.07
N HIS A 235 23.50 5.01 -24.04
CA HIS A 235 23.88 5.22 -25.45
C HIS A 235 22.75 5.84 -26.25
N PRO A 236 23.05 6.36 -27.47
CA PRO A 236 22.07 6.93 -28.41
C PRO A 236 20.80 6.13 -28.72
N ASP A 237 20.86 4.80 -28.73
CA ASP A 237 19.62 4.01 -28.91
C ASP A 237 19.56 2.69 -28.12
N LYS A 238 20.32 2.65 -27.04
CA LYS A 238 20.26 1.53 -26.11
C LYS A 238 20.83 1.96 -24.75
N TRP A 239 20.58 1.14 -23.74
CA TRP A 239 21.13 1.37 -22.40
C TRP A 239 21.54 0.03 -21.83
N THR A 240 22.46 0.05 -20.90
CA THR A 240 22.82 -1.17 -20.18
C THR A 240 23.34 -0.80 -18.82
N VAL A 241 23.73 -1.79 -18.03
CA VAL A 241 24.40 -1.56 -16.77
C VAL A 241 25.91 -1.49 -17.04
N GLN A 242 26.63 -0.74 -16.22
CA GLN A 242 28.06 -0.60 -16.39
C GLN A 242 28.67 -1.98 -16.13
N PRO A 243 29.89 -2.22 -16.66
CA PRO A 243 30.45 -3.57 -16.68
C PRO A 243 30.47 -4.25 -15.30
N ILE A 244 30.00 -5.50 -15.29
CA ILE A 244 29.99 -6.32 -14.09
C ILE A 244 31.12 -7.34 -14.20
N VAL A 245 32.03 -7.36 -13.23
CA VAL A 245 32.98 -8.46 -13.10
C VAL A 245 32.64 -9.29 -11.88
N LEU A 246 32.41 -10.58 -12.11
CA LEU A 246 32.22 -11.53 -11.03
C LEU A 246 33.57 -12.10 -10.61
N PRO A 247 34.04 -11.75 -9.40
CA PRO A 247 35.35 -12.25 -8.97
C PRO A 247 35.49 -13.76 -9.07
N GLU A 248 36.70 -14.20 -9.36
CA GLU A 248 37.06 -15.61 -9.22
C GLU A 248 37.80 -15.69 -7.89
N LYS A 249 37.34 -16.54 -6.97
CA LYS A 249 37.99 -16.69 -5.66
C LYS A 249 38.08 -18.14 -5.22
N ASP A 250 39.18 -18.50 -4.58
CA ASP A 250 39.28 -19.83 -3.97
C ASP A 250 38.30 -19.90 -2.79
N SER A 251 38.44 -18.92 -1.90
CA SER A 251 37.68 -18.87 -0.67
C SER A 251 36.79 -17.62 -0.70
N TRP A 252 35.48 -17.81 -0.50
CA TRP A 252 34.53 -16.69 -0.45
C TRP A 252 34.16 -16.32 0.98
N THR A 253 34.36 -15.07 1.33
CA THR A 253 33.90 -14.53 2.60
C THR A 253 32.44 -14.11 2.52
N VAL A 254 31.83 -13.91 3.68
CA VAL A 254 30.49 -13.30 3.79
C VAL A 254 30.43 -11.97 3.03
N ASN A 255 31.41 -11.10 3.29
CA ASN A 255 31.62 -9.86 2.52
C ASN A 255 31.61 -10.05 0.99
N ASP A 256 32.27 -11.10 0.49
CA ASP A 256 32.40 -11.32 -0.95
C ASP A 256 31.06 -11.78 -1.59
N ILE A 257 30.29 -12.58 -0.83
CA ILE A 257 29.04 -13.12 -1.34
C ILE A 257 27.97 -12.04 -1.40
N GLN A 258 27.92 -11.21 -0.34
CA GLN A 258 27.05 -10.05 -0.32
C GLN A 258 27.32 -9.14 -1.51
N LYS A 259 28.59 -8.84 -1.77
CA LYS A 259 28.93 -7.98 -2.92
C LYS A 259 28.53 -8.61 -4.24
N LEU A 260 28.72 -9.93 -4.35
CA LEU A 260 28.29 -10.73 -5.51
C LEU A 260 26.79 -10.63 -5.76
N VAL A 261 26.01 -10.81 -4.69
CA VAL A 261 24.55 -10.76 -4.78
C VAL A 261 24.06 -9.37 -5.19
N GLY A 262 24.63 -8.34 -4.58
CA GLY A 262 24.39 -6.97 -5.02
C GLY A 262 24.66 -6.77 -6.51
N LYS A 263 25.78 -7.30 -7.00
CA LYS A 263 26.09 -7.13 -8.42
C LYS A 263 25.13 -7.88 -9.31
N LEU A 264 24.83 -9.12 -8.95
CA LEU A 264 23.88 -9.92 -9.70
C LEU A 264 22.51 -9.26 -9.77
N ASN A 265 22.03 -8.81 -8.61
CA ASN A 265 20.79 -8.04 -8.50
C ASN A 265 20.76 -6.82 -9.42
N TRP A 266 21.87 -6.07 -9.41
CA TRP A 266 22.03 -4.94 -10.34
C TRP A 266 21.94 -5.41 -11.80
N ALA A 267 22.62 -6.50 -12.14
CA ALA A 267 22.62 -7.04 -13.52
C ALA A 267 21.25 -7.56 -13.94
N SER A 268 20.47 -8.08 -12.98
CA SER A 268 19.14 -8.62 -13.26
C SER A 268 18.16 -7.64 -13.94
N GLN A 269 18.46 -6.34 -13.95
CA GLN A 269 17.62 -5.35 -14.63
C GLN A 269 17.62 -5.43 -16.15
N ILE A 270 18.65 -6.04 -16.73
CA ILE A 270 18.70 -6.21 -18.18
C ILE A 270 19.19 -7.59 -18.67
N TYR A 271 19.94 -8.30 -17.84
CA TYR A 271 20.34 -9.66 -18.14
C TYR A 271 19.25 -10.66 -17.69
N PRO A 272 18.56 -11.31 -18.65
CA PRO A 272 17.49 -12.27 -18.29
C PRO A 272 17.98 -13.48 -17.58
N GLY A 273 17.18 -14.02 -16.67
CA GLY A 273 17.46 -15.31 -16.06
C GLY A 273 18.47 -15.32 -14.93
N ILE A 274 18.94 -14.15 -14.50
CA ILE A 274 19.88 -14.07 -13.35
C ILE A 274 19.21 -14.70 -12.12
N LYS A 275 19.90 -15.58 -11.40
CA LYS A 275 19.39 -16.19 -10.17
C LYS A 275 20.30 -15.96 -8.98
N VAL A 276 19.69 -15.85 -7.81
CA VAL A 276 20.41 -15.41 -6.62
C VAL A 276 20.04 -16.22 -5.36
N ARG A 277 19.15 -17.19 -5.50
CA ARG A 277 18.55 -17.90 -4.35
C ARG A 277 19.58 -18.68 -3.55
N GLN A 278 20.31 -19.55 -4.23
CA GLN A 278 21.25 -20.45 -3.57
C GLN A 278 22.43 -19.71 -2.93
N LEU A 279 22.77 -18.56 -3.49
CA LEU A 279 23.79 -17.69 -2.93
C LEU A 279 23.29 -16.96 -1.70
N CYS A 280 22.02 -16.57 -1.69
CA CYS A 280 21.45 -15.92 -0.52
C CYS A 280 21.26 -16.89 0.62
N LYS A 281 20.92 -18.15 0.34
CA LYS A 281 20.84 -19.15 1.41
C LYS A 281 22.15 -19.25 2.18
N LEU A 282 23.29 -19.07 1.50
CA LEU A 282 24.59 -19.06 2.19
C LEU A 282 24.73 -17.95 3.24
N LEU A 283 23.91 -16.90 3.14
CA LEU A 283 23.99 -15.76 4.04
C LEU A 283 23.07 -15.82 5.28
N ARG A 284 22.54 -16.99 5.62
CA ARG A 284 21.68 -17.18 6.81
C ARG A 284 22.42 -17.92 7.94
N GLY A 285 22.91 -17.23 8.97
CA GLY A 285 23.00 -15.77 9.00
C GLY A 285 23.80 -15.22 10.17
N THR A 286 24.60 -16.09 10.79
CA THR A 286 25.25 -15.79 12.07
C THR A 286 26.70 -15.31 11.89
N LYS A 287 27.14 -15.17 10.64
CA LYS A 287 28.55 -15.30 10.30
C LYS A 287 29.28 -13.96 10.17
N ALA A 288 30.56 -13.98 10.52
CA ALA A 288 31.43 -12.80 10.42
C ALA A 288 31.71 -12.37 8.97
N LEU A 289 31.72 -11.06 8.76
CA LEU A 289 32.13 -10.38 7.50
C LEU A 289 33.26 -11.06 6.69
N THR A 290 34.40 -11.32 7.34
CA THR A 290 35.54 -11.93 6.65
C THR A 290 35.60 -13.46 6.85
N GLU A 291 34.60 -14.01 7.55
CA GLU A 291 34.43 -15.46 7.65
C GLU A 291 34.16 -16.08 6.27
N VAL A 292 34.89 -17.15 5.96
CA VAL A 292 34.72 -17.87 4.71
C VAL A 292 33.54 -18.86 4.79
N ILE A 293 32.73 -18.86 3.74
CA ILE A 293 31.61 -19.79 3.58
C ILE A 293 31.89 -20.66 2.37
N PRO A 294 32.00 -21.99 2.58
CA PRO A 294 32.14 -22.89 1.45
C PRO A 294 30.90 -22.88 0.57
N LEU A 295 31.13 -22.86 -0.74
CA LEU A 295 30.04 -22.87 -1.68
C LEU A 295 29.50 -24.27 -1.79
N THR A 296 28.21 -24.44 -1.51
CA THR A 296 27.50 -25.69 -1.81
C THR A 296 27.54 -25.96 -3.31
N GLU A 297 27.21 -27.18 -3.70
CA GLU A 297 27.12 -27.52 -5.12
C GLU A 297 26.00 -26.74 -5.84
N GLU A 298 24.93 -26.43 -5.12
CA GLU A 298 23.81 -25.66 -5.67
C GLU A 298 24.21 -24.20 -5.94
N ALA A 299 24.90 -23.57 -4.98
CA ALA A 299 25.44 -22.22 -5.15
C ALA A 299 26.44 -22.18 -6.30
N GLU A 300 27.32 -23.19 -6.33
CA GLU A 300 28.29 -23.39 -7.43
C GLU A 300 27.60 -23.49 -8.82
N LEU A 301 26.58 -24.32 -8.90
CA LEU A 301 25.73 -24.46 -10.11
C LEU A 301 25.07 -23.13 -10.55
N GLU A 302 24.49 -22.43 -9.58
CA GLU A 302 23.86 -21.14 -9.79
C GLU A 302 24.87 -20.07 -10.24
N LEU A 303 26.00 -19.99 -9.57
CA LEU A 303 27.09 -19.09 -9.98
C LEU A 303 27.53 -19.34 -11.42
N ALA A 304 27.58 -20.59 -11.82
CA ALA A 304 28.07 -20.92 -13.15
C ALA A 304 27.02 -20.54 -14.21
N GLU A 305 25.73 -20.70 -13.91
CA GLU A 305 24.68 -20.26 -14.86
C GLU A 305 24.68 -18.74 -15.06
N ASN A 306 24.79 -18.01 -13.95
CA ASN A 306 24.98 -16.54 -13.98
C ASN A 306 26.17 -16.10 -14.85
N ARG A 307 27.30 -16.79 -14.70
CA ARG A 307 28.48 -16.51 -15.54
C ARG A 307 28.26 -16.66 -17.04
N GLU A 308 27.55 -17.72 -17.44
CA GLU A 308 27.12 -17.88 -18.85
C GLU A 308 26.24 -16.75 -19.34
N ILE A 309 25.33 -16.29 -18.47
CA ILE A 309 24.39 -15.23 -18.81
C ILE A 309 25.17 -13.93 -19.01
N LEU A 310 26.16 -13.73 -18.15
CA LEU A 310 26.97 -12.50 -18.19
C LEU A 310 28.17 -12.53 -19.15
N LYS A 311 28.43 -13.67 -19.81
CA LYS A 311 29.66 -13.80 -20.63
C LYS A 311 29.63 -12.82 -21.82
N GLU A 312 28.45 -12.67 -22.41
CA GLU A 312 28.20 -11.74 -23.52
C GLU A 312 27.33 -10.53 -23.10
N PRO A 313 27.70 -9.30 -23.54
CA PRO A 313 26.93 -8.08 -23.22
C PRO A 313 25.50 -8.06 -23.74
N VAL A 314 24.60 -7.54 -22.91
CA VAL A 314 23.19 -7.38 -23.24
C VAL A 314 22.80 -5.91 -23.05
N HIS A 315 21.98 -5.38 -23.95
N HIS A 315 21.96 -5.39 -23.92
CA HIS A 315 21.52 -4.00 -23.87
CA HIS A 315 21.55 -3.99 -23.86
C HIS A 315 20.01 -3.96 -23.76
C HIS A 315 20.03 -3.87 -23.90
N GLY A 316 19.50 -2.83 -23.27
CA GLY A 316 18.06 -2.57 -23.28
C GLY A 316 17.72 -1.50 -24.29
N VAL A 317 16.46 -1.41 -24.65
CA VAL A 317 16.00 -0.36 -25.56
C VAL A 317 15.23 0.74 -24.79
N TYR A 318 14.98 1.89 -25.43
CA TYR A 318 14.28 3.00 -24.81
C TYR A 318 12.77 2.88 -25.05
N TYR A 319 12.02 3.77 -24.42
CA TYR A 319 10.57 3.70 -24.45
C TYR A 319 9.94 4.48 -25.61
N ASP A 320 8.96 3.85 -26.23
CA ASP A 320 8.18 4.46 -27.28
C ASP A 320 6.73 4.52 -26.79
N PRO A 321 6.28 5.71 -26.36
CA PRO A 321 4.96 5.87 -25.76
C PRO A 321 3.76 5.58 -26.66
N SER A 322 3.98 5.33 -27.94
CA SER A 322 2.91 5.04 -28.87
C SER A 322 2.83 3.53 -29.19
N LYS A 323 3.23 2.69 -28.23
CA LYS A 323 3.08 1.26 -28.30
C LYS A 323 2.83 0.74 -26.90
N ASP A 324 2.10 -0.37 -26.83
CA ASP A 324 1.86 -1.07 -25.56
C ASP A 324 3.17 -1.65 -25.02
N LEU A 325 3.20 -1.81 -23.70
CA LEU A 325 4.21 -2.59 -23.01
C LEU A 325 3.68 -4.02 -22.95
N ILE A 326 4.54 -4.98 -23.20
CA ILE A 326 4.20 -6.37 -23.01
C ILE A 326 5.15 -6.91 -21.97
N ALA A 327 4.62 -7.66 -21.01
CA ALA A 327 5.41 -8.29 -19.96
C ALA A 327 5.19 -9.81 -20.00
N GLU A 328 6.29 -10.55 -20.00
CA GLU A 328 6.29 -11.99 -20.01
C GLU A 328 6.99 -12.44 -18.75
N ILE A 329 6.48 -13.51 -18.15
CA ILE A 329 7.03 -14.08 -16.93
C ILE A 329 7.32 -15.58 -17.17
N GLN A 330 8.41 -16.07 -16.61
CA GLN A 330 8.69 -17.52 -16.60
C GLN A 330 9.00 -17.96 -15.19
N LYS A 331 8.63 -19.20 -14.88
CA LYS A 331 9.05 -19.86 -13.66
C LYS A 331 10.44 -20.42 -13.91
N GLN A 332 11.40 -20.08 -13.05
CA GLN A 332 12.76 -20.64 -13.18
C GLN A 332 13.03 -21.42 -11.90
N GLY A 333 12.40 -22.57 -11.79
CA GLY A 333 12.57 -23.38 -10.60
C GLY A 333 11.81 -22.77 -9.46
N GLN A 334 12.06 -23.30 -8.26
CA GLN A 334 11.11 -23.16 -7.16
C GLN A 334 11.30 -21.89 -6.34
N GLY A 335 10.22 -21.12 -6.32
CA GLY A 335 10.22 -19.82 -5.70
C GLY A 335 10.75 -18.71 -6.60
N GLN A 336 11.42 -19.05 -7.70
CA GLN A 336 12.04 -18.05 -8.55
C GLN A 336 11.24 -17.81 -9.82
N TRP A 337 11.07 -16.53 -10.12
CA TRP A 337 10.38 -16.07 -11.31
C TRP A 337 11.25 -15.04 -11.99
N THR A 338 11.18 -15.00 -13.32
CA THR A 338 11.94 -14.06 -14.11
C THR A 338 10.99 -13.39 -15.11
N TYR A 339 11.20 -12.11 -15.41
CA TYR A 339 10.34 -11.40 -16.38
C TYR A 339 11.11 -10.48 -17.31
N GLN A 340 10.48 -10.16 -18.43
CA GLN A 340 11.03 -9.30 -19.46
C GLN A 340 9.89 -8.37 -19.90
N ILE A 341 10.21 -7.10 -20.13
CA ILE A 341 9.25 -6.13 -20.67
C ILE A 341 9.80 -5.58 -21.97
N TYR A 342 8.98 -5.57 -23.01
CA TYR A 342 9.35 -5.16 -24.36
C TYR A 342 8.10 -4.59 -24.99
N GLN A 343 8.30 -3.87 -26.07
CA GLN A 343 7.18 -3.38 -26.85
C GLN A 343 7.15 -4.07 -28.21
N GLU A 344 8.34 -4.36 -28.75
CA GLU A 344 8.48 -5.14 -29.99
C GLU A 344 9.20 -6.42 -29.65
N PRO A 345 8.64 -7.55 -30.10
CA PRO A 345 9.09 -8.84 -29.60
C PRO A 345 10.60 -9.06 -29.59
N PHE A 346 11.05 -9.06 -28.35
CA PHE A 346 12.31 -9.53 -27.81
C PHE A 346 13.42 -8.48 -27.78
N LYS A 347 13.05 -7.24 -28.10
CA LYS A 347 13.85 -6.05 -27.78
C LYS A 347 13.38 -5.50 -26.43
N ASN A 348 14.02 -6.00 -25.39
CA ASN A 348 13.62 -5.71 -24.00
C ASN A 348 13.92 -4.28 -23.63
N LEU A 349 12.94 -3.59 -23.05
CA LEU A 349 13.20 -2.32 -22.37
C LEU A 349 13.89 -2.65 -21.08
N LYS A 350 13.36 -3.61 -20.34
CA LYS A 350 14.05 -4.08 -19.15
C LYS A 350 13.59 -5.47 -18.78
N THR A 351 14.30 -5.99 -17.80
CA THR A 351 14.24 -7.33 -17.35
C THR A 351 14.10 -7.22 -15.81
N GLY A 352 13.70 -8.30 -15.17
CA GLY A 352 13.84 -8.39 -13.74
C GLY A 352 13.53 -9.78 -13.21
N LYS A 353 13.56 -9.91 -11.88
CA LYS A 353 13.19 -11.14 -11.22
C LYS A 353 12.27 -10.90 -10.00
N TYR A 354 11.57 -11.97 -9.63
CA TYR A 354 10.73 -12.03 -8.43
C TYR A 354 10.95 -13.40 -7.85
N ALA A 355 11.15 -13.45 -6.56
CA ALA A 355 11.50 -14.69 -5.93
C ALA A 355 11.33 -14.44 -4.47
N ARG A 356 10.08 -14.30 -4.07
CA ARG A 356 9.75 -13.93 -2.70
C ARG A 356 8.84 -15.03 -2.13
N MET A 357 8.57 -14.95 -0.83
CA MET A 357 7.53 -15.76 -0.20
C MET A 357 6.66 -14.90 0.72
N ARG A 358 5.47 -14.55 0.24
CA ARG A 358 4.39 -14.09 1.13
C ARG A 358 3.79 -15.33 1.83
N GLY A 359 4.15 -15.53 3.09
CA GLY A 359 3.62 -16.62 3.92
C GLY A 359 4.52 -17.85 4.00
N ALA A 360 4.24 -18.72 4.97
CA ALA A 360 4.95 -20.00 5.10
C ALA A 360 4.58 -21.00 3.99
N HIS A 361 3.34 -20.95 3.51
CA HIS A 361 2.85 -21.94 2.53
C HIS A 361 2.18 -21.26 1.36
N THR A 362 2.48 -21.73 0.16
CA THR A 362 2.00 -21.05 -1.03
C THR A 362 1.96 -22.00 -2.20
N ASN A 363 1.35 -21.55 -3.29
CA ASN A 363 1.42 -22.26 -4.56
C ASN A 363 1.84 -21.34 -5.71
N ASP A 364 2.10 -21.94 -6.87
CA ASP A 364 2.60 -21.21 -8.04
C ASP A 364 1.61 -20.21 -8.61
N VAL A 365 0.32 -20.49 -8.47
CA VAL A 365 -0.70 -19.56 -8.97
C VAL A 365 -0.70 -18.26 -8.14
N LYS A 366 -0.57 -18.42 -6.82
CA LYS A 366 -0.43 -17.29 -5.90
C LYS A 366 0.86 -16.51 -6.14
N GLN A 367 1.96 -17.21 -6.37
CA GLN A 367 3.22 -16.54 -6.64
C GLN A 367 3.25 -15.78 -7.96
N LEU A 368 2.69 -16.38 -9.00
CA LEU A 368 2.56 -15.74 -10.30
C LEU A 368 1.74 -14.43 -10.19
N THR A 369 0.62 -14.49 -9.49
CA THR A 369 -0.22 -13.33 -9.21
C THR A 369 0.53 -12.20 -8.52
N GLU A 370 1.31 -12.57 -7.51
CA GLU A 370 2.18 -11.63 -6.82
C GLU A 370 3.23 -11.01 -7.73
N ALA A 371 3.80 -11.83 -8.60
CA ALA A 371 4.76 -11.35 -9.58
C ALA A 371 4.10 -10.38 -10.56
N VAL A 372 2.90 -10.69 -11.04
CA VAL A 372 2.14 -9.76 -11.87
C VAL A 372 1.89 -8.40 -11.15
N GLN A 373 1.61 -8.46 -9.86
CA GLN A 373 1.34 -7.25 -9.09
C GLN A 373 2.58 -6.37 -8.94
N LYS A 374 3.68 -6.98 -8.58
CA LYS A 374 4.96 -6.28 -8.51
C LYS A 374 5.31 -5.61 -9.86
N ILE A 375 5.16 -6.35 -10.95
CA ILE A 375 5.49 -5.83 -12.28
C ILE A 375 4.57 -4.68 -12.70
N THR A 376 3.29 -4.81 -12.39
CA THR A 376 2.29 -3.79 -12.66
C THR A 376 2.63 -2.45 -11.98
N THR A 377 3.05 -2.51 -10.73
CA THR A 377 3.41 -1.32 -9.98
C THR A 377 4.65 -0.65 -10.58
N GLU A 378 5.70 -1.43 -10.71
CA GLU A 378 6.92 -1.03 -11.41
C GLU A 378 6.65 -0.32 -12.74
N SER A 379 5.73 -0.85 -13.54
CA SER A 379 5.37 -0.23 -14.80
C SER A 379 4.67 1.14 -14.69
N ILE A 380 3.78 1.25 -13.71
CA ILE A 380 3.10 2.50 -13.47
C ILE A 380 4.14 3.54 -13.08
N VAL A 381 5.07 3.17 -12.22
CA VAL A 381 6.15 4.07 -11.83
C VAL A 381 7.00 4.49 -13.04
N ILE A 382 7.46 3.53 -13.85
CA ILE A 382 8.42 3.85 -14.93
C ILE A 382 7.78 4.51 -16.15
N TRP A 383 6.59 4.03 -16.55
CA TRP A 383 5.96 4.44 -17.82
C TRP A 383 4.56 5.03 -17.67
N GLY A 384 3.99 5.03 -16.47
CA GLY A 384 2.63 5.54 -16.27
C GLY A 384 1.51 4.67 -16.81
N LYS A 385 1.79 3.41 -17.13
CA LYS A 385 0.74 2.51 -17.58
C LYS A 385 1.07 1.04 -17.33
N THR A 386 0.03 0.21 -17.33
CA THR A 386 0.19 -1.20 -17.03
C THR A 386 0.54 -1.99 -18.31
N PRO A 387 1.40 -3.01 -18.20
CA PRO A 387 1.71 -3.77 -19.38
C PRO A 387 0.65 -4.83 -19.63
N LYS A 388 0.64 -5.38 -20.83
CA LYS A 388 -0.17 -6.56 -21.13
C LYS A 388 0.69 -7.76 -20.88
N PHE A 389 0.14 -8.74 -20.17
CA PHE A 389 0.94 -9.88 -19.70
C PHE A 389 0.80 -11.10 -20.59
N LYS A 390 1.90 -11.84 -20.70
CA LYS A 390 1.92 -13.13 -21.35
C LYS A 390 2.40 -14.11 -20.32
N LEU A 391 1.52 -15.04 -19.93
CA LEU A 391 1.70 -15.87 -18.74
C LEU A 391 1.68 -17.35 -19.03
N PRO A 392 2.54 -18.12 -18.34
CA PRO A 392 2.63 -19.55 -18.52
C PRO A 392 1.61 -20.32 -17.65
N ILE A 393 0.35 -19.95 -17.79
CA ILE A 393 -0.73 -20.57 -17.07
C ILE A 393 -1.92 -20.53 -18.01
N GLN A 394 -2.64 -21.65 -18.12
CA GLN A 394 -3.85 -21.71 -18.97
C GLN A 394 -4.95 -20.89 -18.32
N LYS A 395 -5.78 -20.26 -19.14
CA LYS A 395 -6.93 -19.52 -18.64
C LYS A 395 -7.85 -20.39 -17.75
N GLU A 396 -8.03 -21.65 -18.13
CA GLU A 396 -8.88 -22.55 -17.33
C GLU A 396 -8.32 -22.77 -15.93
N THR A 397 -7.02 -23.01 -15.81
CA THR A 397 -6.39 -23.16 -14.50
C THR A 397 -6.60 -21.92 -13.61
N TRP A 398 -6.48 -20.74 -14.21
CA TRP A 398 -6.60 -19.50 -13.49
C TRP A 398 -8.07 -19.27 -13.06
N GLU A 399 -9.00 -19.48 -13.99
CA GLU A 399 -10.44 -19.40 -13.72
C GLU A 399 -10.87 -20.35 -12.60
N THR A 400 -10.35 -21.56 -12.61
CA THR A 400 -10.63 -22.55 -11.58
C THR A 400 -10.10 -22.08 -10.23
N TRP A 401 -8.90 -21.51 -10.22
CA TRP A 401 -8.34 -21.00 -8.98
C TRP A 401 -9.09 -19.77 -8.40
N TRP A 402 -9.29 -18.72 -9.19
CA TRP A 402 -9.80 -17.46 -8.65
C TRP A 402 -11.27 -17.57 -8.28
N THR A 403 -12.01 -18.37 -9.03
CA THR A 403 -13.42 -18.53 -8.75
C THR A 403 -13.65 -19.25 -7.42
N GLU A 404 -12.76 -20.18 -7.07
CA GLU A 404 -12.91 -21.00 -5.86
C GLU A 404 -12.14 -20.49 -4.61
N TYR A 405 -11.12 -19.64 -4.80
CA TYR A 405 -10.30 -19.11 -3.68
C TYR A 405 -11.04 -18.02 -2.89
N TRP A 406 -10.76 -17.92 -1.59
CA TRP A 406 -11.48 -16.97 -0.70
C TRP A 406 -11.04 -15.49 -0.83
N GLN A 407 -9.83 -15.22 -1.33
CA GLN A 407 -9.38 -13.85 -1.55
C GLN A 407 -9.89 -13.32 -2.84
N ALA A 408 -10.16 -12.02 -2.88
CA ALA A 408 -10.31 -11.31 -4.14
C ALA A 408 -8.95 -11.31 -4.86
N THR A 409 -8.93 -11.80 -6.08
CA THR A 409 -7.70 -11.88 -6.86
C THR A 409 -8.07 -11.45 -8.25
N TRP A 410 -7.21 -10.61 -8.81
CA TRP A 410 -7.47 -10.04 -10.12
C TRP A 410 -6.14 -9.83 -10.80
N ILE A 411 -6.08 -10.15 -12.09
CA ILE A 411 -4.97 -9.68 -12.91
C ILE A 411 -5.53 -9.08 -14.19
N PRO A 412 -4.94 -7.95 -14.61
CA PRO A 412 -5.39 -7.24 -15.79
C PRO A 412 -5.08 -8.03 -17.07
N GLU A 413 -5.43 -7.45 -18.22
CA GLU A 413 -5.32 -8.13 -19.51
C GLU A 413 -4.09 -9.05 -19.64
N TRP A 414 -4.34 -10.34 -19.86
CA TRP A 414 -3.26 -11.28 -20.13
C TRP A 414 -3.65 -12.39 -21.11
N GLU A 415 -2.63 -13.04 -21.66
CA GLU A 415 -2.79 -14.16 -22.57
C GLU A 415 -1.89 -15.29 -22.10
N PHE A 416 -2.34 -16.53 -22.37
CA PHE A 416 -1.55 -17.72 -22.13
C PHE A 416 -0.41 -17.81 -23.15
N VAL A 417 0.77 -18.20 -22.68
CA VAL A 417 1.87 -18.52 -23.58
C VAL A 417 2.47 -19.84 -23.12
N ASN A 418 2.68 -20.73 -24.09
CA ASN A 418 3.19 -22.05 -23.78
C ASN A 418 4.70 -22.07 -23.67
N THR A 419 5.20 -21.60 -22.53
CA THR A 419 6.61 -21.55 -22.22
C THR A 419 6.80 -22.40 -20.94
N PRO A 420 7.08 -23.70 -21.08
CA PRO A 420 7.16 -24.52 -19.85
C PRO A 420 8.38 -24.14 -18.99
N PRO A 421 8.34 -24.45 -17.67
CA PRO A 421 7.25 -25.11 -16.95
C PRO A 421 5.99 -24.26 -16.81
N LEU A 422 4.84 -24.88 -17.08
CA LEU A 422 3.55 -24.24 -16.97
C LEU A 422 3.08 -24.24 -15.51
N VAL A 423 2.35 -23.20 -15.11
CA VAL A 423 1.80 -23.11 -13.77
C VAL A 423 0.50 -23.89 -13.68
N LYS A 424 0.43 -24.82 -12.73
CA LYS A 424 -0.77 -25.63 -12.52
C LYS A 424 -1.01 -25.88 -11.05
N LEU A 425 -2.22 -26.30 -10.71
CA LEU A 425 -2.55 -26.80 -9.37
C LEU A 425 -2.32 -28.33 -9.31
N TRP A 426 -1.59 -28.79 -8.30
CA TRP A 426 -1.07 -30.17 -8.27
C TRP A 426 -2.00 -31.22 -7.66
N TYR A 427 -2.99 -30.74 -6.91
CA TYR A 427 -4.11 -31.54 -6.43
C TYR A 427 -5.29 -30.62 -6.22
N GLN A 428 -6.43 -31.24 -5.95
CA GLN A 428 -7.70 -30.56 -5.77
C GLN A 428 -8.45 -31.34 -4.71
N LEU A 429 -9.01 -30.66 -3.71
CA LEU A 429 -9.85 -31.29 -2.69
C LEU A 429 -11.30 -31.47 -3.18
N GLU A 430 -11.89 -32.62 -2.84
CA GLU A 430 -13.29 -32.89 -3.13
C GLU A 430 -14.23 -31.87 -2.47
N LYS A 431 -15.35 -31.62 -3.14
CA LYS A 431 -16.38 -30.72 -2.65
C LYS A 431 -17.41 -31.42 -1.74
N GLU A 432 -17.37 -32.75 -1.70
CA GLU A 432 -18.34 -33.54 -0.93
C GLU A 432 -17.68 -34.79 -0.34
N PRO A 433 -18.28 -35.35 0.73
CA PRO A 433 -17.76 -36.61 1.27
C PRO A 433 -17.73 -37.70 0.21
N ILE A 434 -16.67 -38.50 0.22
CA ILE A 434 -16.50 -39.59 -0.76
C ILE A 434 -17.18 -40.85 -0.23
N VAL A 435 -18.14 -41.37 -0.98
CA VAL A 435 -18.82 -42.60 -0.64
C VAL A 435 -17.86 -43.78 -0.83
N GLY A 436 -17.89 -44.71 0.11
CA GLY A 436 -17.07 -45.91 -0.02
C GLY A 436 -15.62 -45.63 0.23
N ALA A 437 -15.37 -44.50 0.91
CA ALA A 437 -14.05 -44.09 1.36
C ALA A 437 -14.06 -44.13 2.89
N GLU A 438 -12.95 -44.56 3.46
CA GLU A 438 -12.78 -44.56 4.90
C GLU A 438 -12.60 -43.14 5.44
N THR A 439 -13.45 -42.77 6.41
CA THR A 439 -13.36 -41.54 7.17
C THR A 439 -12.42 -41.68 8.38
N PHE A 440 -11.33 -40.89 8.39
CA PHE A 440 -10.41 -40.74 9.52
C PHE A 440 -10.74 -39.50 10.34
N TYR A 441 -11.03 -39.70 11.62
CA TYR A 441 -11.13 -38.64 12.58
C TYR A 441 -9.77 -38.49 13.22
N VAL A 442 -9.13 -37.34 12.98
CA VAL A 442 -7.77 -37.10 13.41
C VAL A 442 -7.75 -36.15 14.61
N ASP A 443 -6.69 -36.24 15.41
CA ASP A 443 -6.49 -35.29 16.48
C ASP A 443 -5.06 -35.23 16.96
N GLY A 444 -4.71 -34.07 17.52
CA GLY A 444 -3.41 -33.84 18.13
C GLY A 444 -3.56 -33.09 19.43
N ALA A 445 -2.72 -33.45 20.39
CA ALA A 445 -2.65 -32.79 21.70
C ALA A 445 -1.18 -32.77 22.12
N ALA A 446 -0.72 -31.61 22.60
CA ALA A 446 0.65 -31.50 23.08
C ALA A 446 0.66 -30.84 24.47
N ASN A 447 1.39 -31.47 25.41
CA ASN A 447 1.59 -30.93 26.75
C ASN A 447 2.45 -29.67 26.70
N ARG A 448 1.97 -28.63 27.38
CA ARG A 448 2.57 -27.30 27.30
C ARG A 448 3.93 -27.19 28.03
N GLU A 449 4.14 -28.00 29.08
CA GLU A 449 5.38 -27.92 29.89
C GLU A 449 6.47 -28.89 29.42
N THR A 450 6.07 -30.12 29.13
CA THR A 450 7.00 -31.14 28.65
C THR A 450 7.27 -31.01 27.14
N LYS A 451 6.41 -30.28 26.44
CA LYS A 451 6.41 -30.20 24.97
C LYS A 451 6.37 -31.60 24.29
N LEU A 452 5.84 -32.59 25.00
CA LEU A 452 5.60 -33.90 24.42
C LEU A 452 4.28 -33.80 23.70
N GLY A 453 4.07 -34.66 22.70
CA GLY A 453 2.85 -34.64 21.91
C GLY A 453 2.43 -36.01 21.43
N LYS A 454 1.16 -36.09 21.04
CA LYS A 454 0.52 -37.32 20.56
C LYS A 454 -0.36 -36.98 19.35
N ALA A 455 -0.16 -37.69 18.26
CA ALA A 455 -0.96 -37.54 17.05
C ALA A 455 -1.58 -38.90 16.71
N GLY A 456 -2.85 -38.90 16.33
CA GLY A 456 -3.55 -40.14 16.08
C GLY A 456 -4.85 -40.05 15.29
N TYR A 457 -5.44 -41.20 15.04
CA TYR A 457 -6.73 -41.27 14.38
C TYR A 457 -7.58 -42.44 14.86
N VAL A 458 -8.88 -42.28 14.65
CA VAL A 458 -9.87 -43.31 14.84
C VAL A 458 -10.65 -43.29 13.52
N THR A 459 -11.11 -44.43 13.01
CA THR A 459 -11.83 -44.46 11.74
C THR A 459 -13.16 -45.22 11.84
N ASN A 460 -13.99 -45.08 10.80
CA ASN A 460 -15.29 -45.74 10.73
C ASN A 460 -15.17 -47.22 10.32
N ARG A 461 -13.97 -47.62 9.95
CA ARG A 461 -13.63 -49.01 9.63
C ARG A 461 -13.10 -49.70 10.91
N GLY A 462 -13.00 -48.94 11.99
CA GLY A 462 -12.55 -49.48 13.28
C GLY A 462 -11.07 -49.33 13.60
N ARG A 463 -10.27 -48.86 12.64
CA ARG A 463 -8.84 -48.63 12.91
C ARG A 463 -8.59 -47.49 13.89
N GLN A 464 -7.42 -47.56 14.51
CA GLN A 464 -7.03 -46.67 15.59
C GLN A 464 -5.52 -46.60 15.50
N LYS A 465 -4.94 -45.50 15.93
CA LYS A 465 -3.48 -45.39 15.96
C LYS A 465 -3.09 -44.10 16.64
N VAL A 466 -1.92 -44.10 17.27
CA VAL A 466 -1.40 -42.97 18.00
C VAL A 466 0.12 -43.02 17.92
N VAL A 467 0.76 -41.90 17.69
CA VAL A 467 2.21 -41.85 17.70
C VAL A 467 2.63 -40.78 18.70
N THR A 468 3.93 -40.75 18.99
CA THR A 468 4.46 -39.96 20.09
C THR A 468 5.51 -39.02 19.53
N LEU A 469 5.42 -37.76 19.93
CA LEU A 469 6.25 -36.70 19.35
C LEU A 469 6.93 -35.95 20.47
N THR A 470 8.10 -35.39 20.20
CA THR A 470 8.87 -34.70 21.22
C THR A 470 9.14 -33.27 20.77
N ASP A 471 9.12 -32.37 21.72
CA ASP A 471 9.21 -30.94 21.45
C ASP A 471 8.32 -30.49 20.28
N THR A 472 7.04 -30.83 20.37
CA THR A 472 6.05 -30.32 19.41
C THR A 472 5.18 -29.24 20.04
N THR A 473 4.37 -28.64 19.17
CA THR A 473 3.31 -27.72 19.53
C THR A 473 1.98 -28.38 19.17
N ASN A 474 0.87 -27.81 19.65
CA ASN A 474 -0.45 -28.31 19.28
C ASN A 474 -0.69 -28.21 17.78
N GLN A 475 -0.23 -27.11 17.19
CA GLN A 475 -0.26 -26.92 15.75
C GLN A 475 0.40 -28.06 15.02
N LYS A 476 1.64 -28.35 15.38
CA LYS A 476 2.40 -29.43 14.78
C LYS A 476 1.76 -30.83 14.91
N THR A 477 1.11 -31.12 16.02
CA THR A 477 0.48 -32.43 16.21
C THR A 477 -0.81 -32.60 15.37
N GLU A 478 -1.53 -31.50 15.13
CA GLU A 478 -2.73 -31.52 14.29
C GLU A 478 -2.35 -31.82 12.83
N LEU A 479 -1.27 -31.20 12.38
CA LEU A 479 -0.66 -31.53 11.08
C LEU A 479 -0.11 -32.98 11.06
N GLN A 480 0.49 -33.40 12.17
CA GLN A 480 1.07 -34.73 12.26
C GLN A 480 -0.03 -35.76 12.15
N ALA A 481 -1.16 -35.47 12.78
CA ALA A 481 -2.35 -36.33 12.73
C ALA A 481 -2.90 -36.49 11.30
N ILE A 482 -2.91 -35.41 10.53
CA ILE A 482 -3.39 -35.43 9.16
C ILE A 482 -2.45 -36.24 8.26
N TYR A 483 -1.16 -36.11 8.51
CA TYR A 483 -0.14 -36.83 7.75
C TYR A 483 -0.26 -38.36 7.99
N LEU A 484 -0.52 -38.74 9.25
CA LEU A 484 -0.79 -40.14 9.63
C LEU A 484 -1.89 -40.75 8.79
N ALA A 485 -3.02 -40.03 8.75
CA ALA A 485 -4.23 -40.48 8.09
C ALA A 485 -4.06 -40.59 6.59
N LEU A 486 -3.26 -39.69 6.02
CA LEU A 486 -2.88 -39.77 4.61
C LEU A 486 -1.94 -40.95 4.36
N GLN A 487 -1.00 -41.17 5.28
CA GLN A 487 -0.09 -42.32 5.19
C GLN A 487 -0.79 -43.70 5.25
N ASP A 488 -1.76 -43.85 6.14
CA ASP A 488 -2.39 -45.14 6.37
C ASP A 488 -3.65 -45.33 5.55
N SER A 489 -3.81 -44.51 4.51
CA SER A 489 -5.07 -44.37 3.82
C SER A 489 -4.94 -44.97 2.45
N GLY A 490 -6.08 -45.35 1.88
CA GLY A 490 -6.15 -45.72 0.46
C GLY A 490 -5.98 -44.52 -0.47
N LEU A 491 -6.44 -44.68 -1.70
CA LEU A 491 -6.36 -43.63 -2.69
C LEU A 491 -7.52 -42.64 -2.58
N GLU A 492 -8.58 -43.00 -1.86
CA GLU A 492 -9.66 -42.09 -1.52
C GLU A 492 -9.80 -42.01 0.02
N VAL A 493 -10.01 -40.81 0.57
CA VAL A 493 -10.16 -40.67 2.03
C VAL A 493 -10.86 -39.39 2.49
N ASN A 494 -11.71 -39.52 3.50
CA ASN A 494 -12.29 -38.39 4.18
C ASN A 494 -11.60 -38.19 5.52
N ILE A 495 -11.26 -36.94 5.82
CA ILE A 495 -10.54 -36.62 7.06
C ILE A 495 -11.30 -35.56 7.84
N VAL A 496 -11.59 -35.83 9.11
CA VAL A 496 -12.29 -34.89 9.98
C VAL A 496 -11.30 -34.39 11.02
N THR A 497 -11.02 -33.09 11.01
CA THR A 497 -10.15 -32.45 12.00
C THR A 497 -10.94 -31.43 12.82
N ASP A 498 -10.42 -31.04 13.98
CA ASP A 498 -10.96 -29.88 14.69
C ASP A 498 -9.98 -28.69 14.66
N SER A 499 -8.96 -28.80 13.81
CA SER A 499 -7.97 -27.72 13.62
C SER A 499 -8.32 -26.82 12.41
N GLN A 500 -8.78 -25.61 12.68
CA GLN A 500 -8.97 -24.59 11.63
C GLN A 500 -7.65 -24.25 10.93
N TYR A 501 -6.59 -24.25 11.73
CA TYR A 501 -5.24 -23.97 11.24
C TYR A 501 -4.84 -24.89 10.09
N ALA A 502 -4.92 -26.21 10.33
CA ALA A 502 -4.54 -27.19 9.30
C ALA A 502 -5.46 -27.14 8.09
N LEU A 503 -6.75 -26.97 8.34
CA LEU A 503 -7.74 -26.86 7.27
C LEU A 503 -7.44 -25.66 6.36
N GLY A 504 -7.12 -24.53 6.98
CA GLY A 504 -6.75 -23.31 6.24
C GLY A 504 -5.58 -23.54 5.32
N ILE A 505 -4.56 -24.24 5.83
CA ILE A 505 -3.33 -24.46 5.07
C ILE A 505 -3.62 -25.29 3.84
N ILE A 506 -4.36 -26.38 4.05
CA ILE A 506 -4.56 -27.38 3.03
C ILE A 506 -5.59 -26.93 2.00
N GLN A 507 -6.60 -26.21 2.44
CA GLN A 507 -7.60 -25.68 1.51
C GLN A 507 -7.06 -24.72 0.46
N ALA A 508 -5.93 -24.04 0.74
CA ALA A 508 -5.31 -23.10 -0.19
C ALA A 508 -4.46 -23.79 -1.25
N GLN A 509 -4.48 -25.13 -1.24
CA GLN A 509 -3.75 -25.95 -2.21
C GLN A 509 -2.28 -25.56 -2.34
N PRO A 510 -1.57 -25.47 -1.20
CA PRO A 510 -0.14 -25.21 -1.27
C PRO A 510 0.60 -26.27 -2.07
N ASP A 511 1.70 -25.87 -2.72
CA ASP A 511 2.61 -26.83 -3.35
C ASP A 511 4.04 -26.69 -2.83
N GLN A 512 4.24 -25.78 -1.88
CA GLN A 512 5.57 -25.35 -1.45
C GLN A 512 5.40 -24.89 -0.01
N SER A 513 6.35 -25.23 0.86
CA SER A 513 6.26 -24.82 2.26
C SER A 513 7.60 -24.68 2.95
N GLU A 514 7.62 -23.78 3.93
CA GLU A 514 8.74 -23.65 4.85
C GLU A 514 8.80 -24.87 5.79
N SER A 515 7.64 -25.48 6.03
CA SER A 515 7.50 -26.60 6.94
C SER A 515 7.80 -27.94 6.25
N GLU A 516 8.63 -28.75 6.91
CA GLU A 516 8.94 -30.11 6.48
C GLU A 516 7.68 -30.98 6.45
N LEU A 517 6.98 -30.95 7.58
CA LEU A 517 5.69 -31.60 7.76
C LEU A 517 4.70 -31.26 6.62
N VAL A 518 4.52 -29.97 6.36
CA VAL A 518 3.62 -29.51 5.30
C VAL A 518 4.02 -30.03 3.94
N ASN A 519 5.31 -30.06 3.63
CA ASN A 519 5.79 -30.65 2.38
C ASN A 519 5.54 -32.17 2.32
N GLN A 520 5.58 -32.85 3.47
CA GLN A 520 5.25 -34.27 3.53
C GLN A 520 3.77 -34.48 3.27
N ILE A 521 2.94 -33.63 3.88
CA ILE A 521 1.51 -33.67 3.59
C ILE A 521 1.20 -33.45 2.11
N ILE A 522 1.95 -32.56 1.47
CA ILE A 522 1.71 -32.21 0.06
C ILE A 522 2.06 -33.37 -0.87
N GLU A 523 3.20 -34.03 -0.64
CA GLU A 523 3.53 -35.30 -1.33
C GLU A 523 2.37 -36.27 -1.34
N GLN A 524 1.80 -36.51 -0.16
CA GLN A 524 0.69 -37.43 -0.01
C GLN A 524 -0.53 -36.97 -0.75
N LEU A 525 -0.87 -35.68 -0.62
CA LEU A 525 -2.11 -35.17 -1.23
C LEU A 525 -2.05 -35.31 -2.74
N ILE A 526 -0.85 -35.12 -3.30
CA ILE A 526 -0.65 -35.26 -4.74
C ILE A 526 -0.88 -36.71 -5.22
N LYS A 527 -0.32 -37.69 -4.51
CA LYS A 527 -0.51 -39.11 -4.81
C LYS A 527 -1.98 -39.58 -4.70
N LYS A 528 -2.76 -39.02 -3.78
CA LYS A 528 -4.15 -39.45 -3.62
C LYS A 528 -4.97 -39.22 -4.88
N GLU A 529 -6.06 -39.96 -5.01
CA GLU A 529 -7.02 -39.74 -6.11
C GLU A 529 -8.13 -38.82 -5.64
N LYS A 530 -8.59 -39.01 -4.41
CA LYS A 530 -9.61 -38.13 -3.83
C LYS A 530 -9.36 -37.89 -2.35
N VAL A 531 -9.44 -36.62 -1.94
CA VAL A 531 -9.45 -36.28 -0.52
C VAL A 531 -10.57 -35.27 -0.25
N TYR A 532 -11.41 -35.61 0.73
CA TYR A 532 -12.34 -34.68 1.32
C TYR A 532 -11.90 -34.36 2.76
N LEU A 533 -12.00 -33.09 3.13
CA LEU A 533 -11.53 -32.65 4.42
C LEU A 533 -12.61 -31.80 5.04
N ALA A 534 -12.93 -32.09 6.29
CA ALA A 534 -14.00 -31.44 7.02
C ALA A 534 -13.52 -31.04 8.38
N TRP A 535 -14.16 -30.02 8.95
CA TRP A 535 -13.81 -29.48 10.24
C TRP A 535 -15.00 -29.64 11.19
N VAL A 536 -14.73 -29.92 12.45
CA VAL A 536 -15.77 -29.88 13.49
C VAL A 536 -15.28 -29.13 14.71
N PRO A 537 -16.20 -28.55 15.48
CA PRO A 537 -15.80 -27.98 16.77
C PRO A 537 -15.33 -29.06 17.77
N ALA A 538 -14.18 -28.81 18.39
CA ALA A 538 -13.62 -29.74 19.38
C ALA A 538 -14.35 -29.69 20.71
N HIS A 539 -14.22 -30.76 21.50
CA HIS A 539 -14.74 -30.83 22.87
C HIS A 539 -16.26 -30.68 22.97
N LYS A 540 -16.94 -30.75 21.82
CA LYS A 540 -18.40 -30.67 21.78
C LYS A 540 -19.01 -32.08 21.70
N GLY A 541 -18.18 -33.11 21.92
CA GLY A 541 -18.66 -34.49 22.05
C GLY A 541 -19.19 -35.08 20.75
N ILE A 542 -18.62 -34.64 19.64
CA ILE A 542 -18.99 -35.15 18.32
C ILE A 542 -18.35 -36.52 18.09
N GLY A 543 -19.19 -37.50 17.76
CA GLY A 543 -18.71 -38.86 17.46
C GLY A 543 -17.46 -38.83 16.60
N GLY A 544 -16.52 -39.74 16.91
CA GLY A 544 -15.24 -39.83 16.21
C GLY A 544 -14.23 -38.86 16.78
N ASN A 545 -14.54 -37.57 16.73
CA ASN A 545 -13.70 -36.53 17.33
C ASN A 545 -13.50 -36.77 18.83
N GLU A 546 -14.58 -37.15 19.51
CA GLU A 546 -14.54 -37.49 20.93
C GLU A 546 -13.56 -38.62 21.23
N GLN A 547 -13.53 -39.61 20.34
CA GLN A 547 -12.69 -40.80 20.49
C GLN A 547 -11.18 -40.55 20.31
N VAL A 548 -10.80 -39.86 19.23
CA VAL A 548 -9.37 -39.59 18.97
C VAL A 548 -8.81 -38.69 20.06
N ASP A 549 -9.63 -37.73 20.48
CA ASP A 549 -9.33 -36.84 21.61
C ASP A 549 -8.92 -37.63 22.86
N LYS A 550 -9.59 -38.76 23.11
CA LYS A 550 -9.26 -39.66 24.23
C LYS A 550 -7.84 -40.24 24.13
N LEU A 551 -7.60 -41.06 23.11
CA LEU A 551 -6.27 -41.68 22.94
C LEU A 551 -5.15 -40.65 22.78
N VAL A 552 -5.48 -39.46 22.27
CA VAL A 552 -4.49 -38.41 22.04
C VAL A 552 -4.14 -37.65 23.33
N SER A 553 -5.14 -37.37 24.16
CA SER A 553 -4.91 -36.66 25.43
C SER A 553 -4.13 -37.49 26.46
N ALA A 554 -4.29 -38.82 26.42
CA ALA A 554 -3.61 -39.72 27.34
C ALA A 554 -2.11 -39.46 27.36
N GLY A 555 -1.63 -38.83 28.44
CA GLY A 555 -0.24 -38.43 28.57
C GLY A 555 -0.02 -37.35 29.63
N ILE B 5 -17.32 37.00 5.37
CA ILE B 5 -16.81 35.60 5.50
C ILE B 5 -15.30 35.60 5.81
N GLU B 6 -14.99 35.53 7.10
CA GLU B 6 -13.61 35.36 7.58
C GLU B 6 -13.49 34.05 8.39
N THR B 7 -12.26 33.59 8.58
CA THR B 7 -11.98 32.18 8.86
C THR B 7 -12.15 31.74 10.31
N VAL B 8 -12.53 30.47 10.48
CA VAL B 8 -12.60 29.83 11.79
C VAL B 8 -11.23 29.29 12.13
N PRO B 9 -10.66 29.67 13.29
CA PRO B 9 -9.35 29.13 13.63
C PRO B 9 -9.43 27.61 13.88
N VAL B 10 -8.55 26.85 13.22
CA VAL B 10 -8.56 25.39 13.36
C VAL B 10 -7.34 24.98 14.14
N LYS B 11 -7.45 23.89 14.88
CA LYS B 11 -6.35 23.39 15.70
C LYS B 11 -6.12 21.89 15.46
N LEU B 12 -4.90 21.43 15.72
CA LEU B 12 -4.66 20.02 16.01
C LEU B 12 -4.61 19.90 17.55
N LYS B 13 -4.52 18.68 18.06
CA LYS B 13 -4.12 18.46 19.46
C LYS B 13 -2.78 19.24 19.68
N PRO B 14 -2.48 19.65 20.94
CA PRO B 14 -1.13 20.17 21.27
C PRO B 14 0.09 19.37 20.73
N GLY B 15 0.01 18.04 20.74
CA GLY B 15 1.15 17.17 20.38
C GLY B 15 1.01 16.20 19.20
N MET B 16 0.09 16.46 18.29
CA MET B 16 0.02 15.70 17.02
C MET B 16 0.53 16.60 15.90
N ASP B 17 1.37 16.04 15.03
CA ASP B 17 1.85 16.78 13.87
C ASP B 17 0.99 16.40 12.67
N GLY B 18 1.07 17.21 11.63
CA GLY B 18 0.26 17.01 10.44
C GLY B 18 0.65 15.76 9.69
N PRO B 19 -0.11 15.45 8.63
CA PRO B 19 0.09 14.21 7.89
C PRO B 19 1.35 14.25 7.05
N LYS B 20 2.02 13.11 6.94
CA LYS B 20 3.21 12.97 6.10
C LYS B 20 3.08 11.64 5.40
N VAL B 21 2.11 11.59 4.50
CA VAL B 21 1.71 10.35 3.86
C VAL B 21 2.24 10.35 2.43
N LYS B 22 2.77 9.20 2.02
CA LYS B 22 3.35 8.99 0.67
C LYS B 22 2.28 9.08 -0.42
N GLN B 23 2.66 9.64 -1.56
CA GLN B 23 1.83 9.60 -2.75
C GLN B 23 2.00 8.26 -3.46
N TRP B 24 0.89 7.59 -3.75
CA TRP B 24 0.88 6.34 -4.52
C TRP B 24 1.18 6.67 -5.99
N PRO B 25 1.81 5.74 -6.74
CA PRO B 25 1.99 5.99 -8.18
C PRO B 25 0.69 6.09 -8.93
N LEU B 26 0.62 7.01 -9.90
CA LEU B 26 -0.56 7.24 -10.69
C LEU B 26 -0.22 6.99 -12.14
N THR B 27 -1.22 6.63 -12.93
CA THR B 27 -1.05 6.43 -14.36
C THR B 27 -0.96 7.79 -15.08
N GLU B 28 -0.39 7.80 -16.27
CA GLU B 28 -0.27 9.04 -17.06
C GLU B 28 -1.62 9.76 -17.24
N GLU B 29 -2.70 9.06 -17.56
CA GLU B 29 -3.98 9.76 -17.82
C GLU B 29 -4.56 10.46 -16.59
N LYS B 30 -4.25 9.97 -15.41
CA LYS B 30 -4.76 10.54 -14.16
C LYS B 30 -3.91 11.72 -13.73
N ILE B 31 -2.60 11.56 -13.87
CA ILE B 31 -1.67 12.66 -13.68
C ILE B 31 -2.07 13.88 -14.53
N LYS B 32 -2.29 13.66 -15.82
CA LYS B 32 -2.81 14.69 -16.72
C LYS B 32 -4.17 15.25 -16.35
N ALA B 33 -5.07 14.39 -15.88
CA ALA B 33 -6.36 14.86 -15.39
C ALA B 33 -6.15 15.79 -14.23
N LEU B 34 -5.31 15.38 -13.29
CA LEU B 34 -5.04 16.16 -12.10
C LEU B 34 -4.35 17.51 -12.37
N VAL B 35 -3.52 17.63 -13.40
CA VAL B 35 -2.90 18.93 -13.67
C VAL B 35 -3.88 19.85 -14.43
N GLU B 36 -4.73 19.33 -15.31
CA GLU B 36 -5.82 20.15 -15.84
C GLU B 36 -6.58 20.74 -14.65
N ILE B 37 -7.18 19.87 -13.85
CA ILE B 37 -7.97 20.31 -12.68
C ILE B 37 -7.23 21.32 -11.82
N CYS B 38 -6.02 20.99 -11.39
CA CYS B 38 -5.29 21.82 -10.44
C CYS B 38 -4.80 23.13 -11.05
N THR B 39 -4.56 23.14 -12.35
CA THR B 39 -4.24 24.40 -13.04
C THR B 39 -5.43 25.36 -12.95
N GLU B 40 -6.63 24.86 -13.25
CA GLU B 40 -7.87 25.61 -13.03
C GLU B 40 -8.03 26.11 -11.60
N MET B 41 -7.93 25.22 -10.61
CA MET B 41 -8.15 25.60 -9.18
C MET B 41 -7.21 26.72 -8.70
N GLU B 42 -5.99 26.70 -9.20
CA GLU B 42 -5.00 27.70 -8.85
C GLU B 42 -5.39 29.05 -9.44
N LYS B 43 -5.75 29.06 -10.73
CA LYS B 43 -6.31 30.27 -11.39
C LYS B 43 -7.43 30.87 -10.54
N GLU B 44 -8.32 30.01 -10.04
CA GLU B 44 -9.47 30.42 -9.21
C GLU B 44 -9.09 30.79 -7.76
N GLY B 45 -7.84 30.59 -7.38
CA GLY B 45 -7.41 30.91 -6.01
C GLY B 45 -7.69 29.86 -4.94
N LYS B 46 -8.23 28.70 -5.34
CA LYS B 46 -8.62 27.68 -4.35
C LYS B 46 -7.43 26.96 -3.70
N ILE B 47 -6.35 26.80 -4.45
CA ILE B 47 -5.10 26.21 -4.00
C ILE B 47 -3.95 27.12 -4.43
N SER B 48 -2.79 26.95 -3.79
CA SER B 48 -1.57 27.66 -4.19
C SER B 48 -0.37 26.71 -4.21
N LYS B 49 0.54 26.93 -5.15
CA LYS B 49 1.80 26.21 -5.14
C LYS B 49 2.52 26.51 -3.85
N ILE B 50 3.26 25.53 -3.36
CA ILE B 50 3.99 25.67 -2.12
C ILE B 50 5.42 25.26 -2.34
N GLY B 51 6.26 25.61 -1.36
CA GLY B 51 7.68 25.31 -1.34
C GLY B 51 8.01 24.19 -0.35
N PRO B 52 9.31 23.79 -0.31
CA PRO B 52 9.76 22.61 0.41
C PRO B 52 9.76 22.79 1.89
N GLU B 53 9.54 24.03 2.34
CA GLU B 53 9.41 24.32 3.75
C GLU B 53 8.09 23.83 4.36
N ASN B 54 7.18 23.34 3.50
CA ASN B 54 6.01 22.57 3.93
C ASN B 54 6.36 21.09 3.90
N PRO B 55 6.51 20.46 5.07
CA PRO B 55 6.87 19.04 5.08
C PRO B 55 5.69 18.05 5.01
N TYR B 56 4.46 18.53 4.82
CA TYR B 56 3.28 17.66 4.91
C TYR B 56 2.87 17.15 3.56
N ASN B 57 2.20 16.00 3.57
CA ASN B 57 1.62 15.45 2.39
C ASN B 57 0.43 14.55 2.70
N THR B 58 -0.52 14.62 1.79
CA THR B 58 -1.73 13.84 1.77
C THR B 58 -1.82 13.29 0.35
N PRO B 59 -2.26 12.02 0.20
CA PRO B 59 -2.33 11.48 -1.18
C PRO B 59 -3.50 12.00 -1.97
N VAL B 60 -3.33 12.10 -3.29
CA VAL B 60 -4.38 12.50 -4.24
C VAL B 60 -4.58 11.49 -5.37
N PHE B 61 -5.84 11.41 -5.81
CA PHE B 61 -6.25 10.48 -6.83
C PHE B 61 -7.18 11.15 -7.78
N ALA B 62 -7.31 10.52 -8.95
CA ALA B 62 -8.32 10.88 -9.95
C ALA B 62 -9.37 9.76 -10.10
N ILE B 63 -10.64 10.13 -9.99
CA ILE B 63 -11.75 9.20 -10.16
C ILE B 63 -12.75 9.75 -11.19
N LYS B 64 -13.76 8.94 -11.52
CA LYS B 64 -14.92 9.37 -12.34
C LYS B 64 -16.10 9.79 -11.46
N SER B 68 -18.51 9.00 -14.53
CA SER B 68 -18.88 9.28 -15.91
C SER B 68 -17.63 9.33 -16.82
N THR B 69 -17.58 10.33 -17.71
CA THR B 69 -16.39 10.69 -18.48
C THR B 69 -15.62 11.86 -17.83
N LYS B 70 -16.30 12.64 -16.99
CA LYS B 70 -15.67 13.73 -16.23
C LYS B 70 -14.72 13.17 -15.15
N TRP B 71 -13.46 13.56 -15.21
CA TRP B 71 -12.48 13.26 -14.15
C TRP B 71 -12.71 14.14 -12.94
N ARG B 72 -12.34 13.63 -11.78
CA ARG B 72 -12.52 14.36 -10.55
C ARG B 72 -11.38 14.11 -9.56
N LYS B 73 -10.96 15.16 -8.86
CA LYS B 73 -9.90 15.04 -7.85
C LYS B 73 -10.45 14.49 -6.55
N LEU B 74 -9.80 13.45 -6.03
CA LEU B 74 -10.13 12.91 -4.72
C LEU B 74 -8.89 12.99 -3.84
N VAL B 75 -8.96 13.79 -2.78
CA VAL B 75 -7.86 13.84 -1.82
C VAL B 75 -8.19 12.94 -0.65
N ASP B 76 -7.23 12.08 -0.32
CA ASP B 76 -7.34 11.16 0.78
C ASP B 76 -6.89 11.82 2.09
N PHE B 77 -7.85 12.42 2.79
CA PHE B 77 -7.59 13.11 4.06
C PHE B 77 -7.78 12.24 5.29
N ARG B 78 -7.65 10.92 5.14
CA ARG B 78 -7.82 10.03 6.26
C ARG B 78 -6.91 10.29 7.47
N GLU B 79 -5.65 10.59 7.23
CA GLU B 79 -4.72 10.92 8.32
C GLU B 79 -5.02 12.29 8.95
N LEU B 80 -5.24 13.30 8.12
CA LEU B 80 -5.60 14.63 8.59
C LEU B 80 -6.89 14.57 9.37
N ASN B 81 -7.85 13.76 8.93
CA ASN B 81 -9.09 13.63 9.68
C ASN B 81 -8.87 13.08 11.10
N LYS B 82 -8.15 11.97 11.23
CA LYS B 82 -7.75 11.44 12.54
C LYS B 82 -7.04 12.46 13.41
N ARG B 83 -6.05 13.14 12.83
CA ARG B 83 -5.25 14.13 13.56
C ARG B 83 -5.96 15.42 13.94
N THR B 84 -7.22 15.54 13.53
CA THR B 84 -7.99 16.76 13.66
C THR B 84 -9.39 16.48 14.27
N GLN B 85 -9.53 15.28 14.85
CA GLN B 85 -10.80 14.76 15.33
C GLN B 85 -11.43 15.55 16.47
N ASP B 86 -10.60 16.26 17.24
CA ASP B 86 -11.11 17.06 18.34
C ASP B 86 -11.90 18.23 17.80
N PHE B 87 -11.41 18.80 16.70
CA PHE B 87 -12.07 19.92 16.05
C PHE B 87 -13.44 19.53 15.45
N TRP B 88 -13.45 18.64 14.45
CA TRP B 88 -14.69 18.31 13.73
C TRP B 88 -15.69 17.43 14.50
N GLU B 89 -15.27 16.77 15.57
CA GLU B 89 -16.17 15.87 16.32
C GLU B 89 -16.65 16.44 17.65
N VAL B 90 -15.71 16.86 18.49
CA VAL B 90 -16.05 17.34 19.84
C VAL B 90 -16.35 18.84 19.84
N GLN B 91 -15.56 19.62 19.11
CA GLN B 91 -15.76 21.07 19.08
C GLN B 91 -16.89 21.50 18.13
N LEU B 92 -16.89 20.98 16.90
CA LEU B 92 -17.88 21.38 15.88
C LEU B 92 -18.75 20.24 15.34
N GLY B 93 -18.92 19.20 16.15
CA GLY B 93 -19.67 18.02 15.75
C GLY B 93 -21.06 18.29 15.18
N ILE B 94 -21.41 17.52 14.14
CA ILE B 94 -22.72 17.55 13.50
C ILE B 94 -23.50 16.37 14.07
N PRO B 95 -24.60 16.64 14.78
CA PRO B 95 -25.32 15.52 15.39
C PRO B 95 -26.03 14.70 14.32
N HIS B 96 -26.01 13.37 14.49
CA HIS B 96 -26.59 12.45 13.53
C HIS B 96 -27.99 12.06 13.96
N PRO B 97 -28.96 12.13 13.03
CA PRO B 97 -30.36 11.84 13.33
C PRO B 97 -30.74 10.36 13.23
N ALA B 98 -31.40 9.85 14.27
CA ALA B 98 -31.80 8.45 14.33
C ALA B 98 -32.97 8.10 13.40
N GLY B 99 -33.72 9.12 12.99
CA GLY B 99 -34.85 8.93 12.08
C GLY B 99 -34.48 8.65 10.63
N LEU B 100 -33.27 9.05 10.22
CA LEU B 100 -32.87 8.89 8.82
C LEU B 100 -32.98 7.42 8.31
N LYS B 101 -32.49 6.49 9.11
CA LYS B 101 -32.62 5.06 8.78
C LYS B 101 -34.07 4.53 8.76
N LYS B 102 -35.01 5.27 9.33
CA LYS B 102 -36.42 4.85 9.35
C LYS B 102 -37.23 5.27 8.12
N LYS B 103 -36.64 6.03 7.20
CA LYS B 103 -37.36 6.64 6.07
C LYS B 103 -37.55 5.71 4.91
N LYS B 104 -38.59 5.97 4.14
CA LYS B 104 -38.90 5.14 2.99
C LYS B 104 -37.82 5.26 1.89
N SER B 105 -37.38 6.50 1.64
CA SER B 105 -36.38 6.78 0.60
C SER B 105 -35.36 7.77 1.13
N VAL B 106 -34.09 7.51 0.86
CA VAL B 106 -33.04 8.46 1.21
C VAL B 106 -32.25 8.72 -0.06
N THR B 107 -32.14 10.00 -0.44
CA THR B 107 -31.38 10.45 -1.60
C THR B 107 -30.09 11.13 -1.16
N VAL B 108 -29.01 10.82 -1.86
CA VAL B 108 -27.70 11.36 -1.55
C VAL B 108 -27.34 12.42 -2.60
N LEU B 109 -27.07 13.64 -2.16
CA LEU B 109 -26.72 14.76 -3.04
C LEU B 109 -25.34 15.29 -2.69
N ASP B 110 -24.53 15.47 -3.72
CA ASP B 110 -23.18 16.02 -3.58
C ASP B 110 -23.26 17.52 -3.38
N VAL B 111 -22.71 18.00 -2.26
CA VAL B 111 -22.69 19.44 -1.97
C VAL B 111 -21.28 20.01 -1.71
N GLY B 112 -20.23 19.27 -2.09
CA GLY B 112 -18.83 19.67 -1.85
C GLY B 112 -18.33 20.95 -2.55
N ASP B 113 -19.05 21.38 -3.58
CA ASP B 113 -18.80 22.67 -4.23
C ASP B 113 -19.02 23.86 -3.32
N ALA B 114 -19.85 23.67 -2.30
CA ALA B 114 -20.11 24.70 -1.31
C ALA B 114 -18.83 25.18 -0.61
N TYR B 115 -17.93 24.24 -0.31
CA TYR B 115 -16.74 24.53 0.51
C TYR B 115 -15.73 25.43 -0.19
N PHE B 116 -15.69 25.36 -1.52
CA PHE B 116 -14.70 26.09 -2.29
C PHE B 116 -14.86 27.62 -2.27
N SER B 117 -15.92 28.09 -1.61
CA SER B 117 -16.24 29.50 -1.55
C SER B 117 -15.95 30.06 -0.17
N VAL B 118 -15.38 29.24 0.71
CA VAL B 118 -15.16 29.58 2.09
C VAL B 118 -13.67 29.41 2.42
N PRO B 119 -12.99 30.51 2.81
CA PRO B 119 -11.54 30.49 2.97
C PRO B 119 -11.06 29.73 4.20
N LEU B 120 -9.90 29.10 4.08
CA LEU B 120 -9.36 28.28 5.16
C LEU B 120 -8.43 29.10 6.08
N ASP B 121 -8.50 28.85 7.38
CA ASP B 121 -7.57 29.44 8.35
C ASP B 121 -6.13 29.33 7.82
N GLU B 122 -5.49 30.49 7.60
CA GLU B 122 -4.18 30.55 6.95
C GLU B 122 -3.11 29.76 7.71
N ASP B 123 -3.28 29.61 9.02
CA ASP B 123 -2.34 28.81 9.81
C ASP B 123 -2.60 27.30 9.70
N PHE B 124 -3.72 26.91 9.07
CA PHE B 124 -4.04 25.50 8.92
C PHE B 124 -3.72 25.01 7.52
N ARG B 125 -3.58 25.93 6.59
CA ARG B 125 -3.44 25.61 5.18
C ARG B 125 -2.32 24.59 4.86
N LYS B 126 -1.20 24.68 5.58
CA LYS B 126 -0.04 23.84 5.33
C LYS B 126 -0.30 22.33 5.47
N TYR B 127 -1.22 21.98 6.34
CA TYR B 127 -1.57 20.59 6.61
C TYR B 127 -2.39 19.94 5.49
N THR B 128 -2.85 20.75 4.55
CA THR B 128 -3.59 20.29 3.39
C THR B 128 -2.68 20.11 2.15
N ALA B 129 -1.37 20.12 2.36
CA ALA B 129 -0.40 19.85 1.26
C ALA B 129 -0.60 18.48 0.53
N PHE B 130 -0.48 18.52 -0.80
CA PHE B 130 -0.49 17.34 -1.65
C PHE B 130 0.42 17.52 -2.87
N THR B 131 0.74 16.40 -3.51
CA THR B 131 1.73 16.33 -4.59
C THR B 131 1.16 15.64 -5.82
N ILE B 132 1.27 16.26 -7.01
CA ILE B 132 1.01 15.54 -8.25
C ILE B 132 2.35 14.96 -8.74
N PRO B 133 2.45 13.61 -8.81
CA PRO B 133 3.70 12.99 -9.18
C PRO B 133 4.01 13.05 -10.67
N SER B 134 5.23 12.67 -11.00
CA SER B 134 5.76 12.74 -12.36
C SER B 134 6.08 11.32 -12.83
N ILE B 135 5.83 11.02 -14.08
CA ILE B 135 6.23 9.73 -14.65
C ILE B 135 7.75 9.65 -14.77
N ASN B 136 8.32 8.52 -14.32
CA ASN B 136 9.75 8.23 -14.30
C ASN B 136 10.56 9.28 -13.52
N ASN B 137 9.90 9.93 -12.58
CA ASN B 137 10.55 10.94 -11.71
C ASN B 137 11.33 11.98 -12.50
N GLU B 138 10.72 12.43 -13.60
CA GLU B 138 11.31 13.38 -14.53
C GLU B 138 11.42 14.75 -13.90
N THR B 139 10.28 15.23 -13.39
CA THR B 139 10.21 16.46 -12.63
C THR B 139 9.96 16.07 -11.17
N PRO B 140 10.29 16.95 -10.20
CA PRO B 140 9.90 16.77 -8.80
C PRO B 140 8.39 16.66 -8.61
N GLY B 141 7.61 17.27 -9.48
CA GLY B 141 6.20 17.09 -9.38
C GLY B 141 5.61 18.10 -8.44
N ILE B 142 4.34 18.36 -8.68
CA ILE B 142 3.73 19.62 -8.37
C ILE B 142 3.06 19.62 -7.00
N ARG B 143 3.54 20.50 -6.13
CA ARG B 143 3.05 20.59 -4.77
C ARG B 143 2.14 21.78 -4.61
N TYR B 144 1.00 21.56 -3.94
CA TYR B 144 -0.01 22.58 -3.71
C TYR B 144 -0.57 22.45 -2.31
N GLN B 145 -1.14 23.54 -1.81
CA GLN B 145 -1.98 23.50 -0.60
C GLN B 145 -3.30 24.25 -0.82
N TYR B 146 -4.27 24.03 0.07
CA TYR B 146 -5.60 24.62 -0.09
C TYR B 146 -5.68 26.01 0.53
N ASN B 147 -6.39 26.91 -0.15
CA ASN B 147 -6.71 28.24 0.40
C ASN B 147 -8.16 28.33 0.91
N VAL B 148 -8.94 27.28 0.63
CA VAL B 148 -10.37 27.25 0.93
C VAL B 148 -10.68 25.89 1.55
N LEU B 149 -11.85 25.76 2.18
CA LEU B 149 -12.29 24.49 2.73
C LEU B 149 -12.20 23.39 1.66
N PRO B 150 -11.36 22.36 1.94
CA PRO B 150 -11.20 21.30 0.99
C PRO B 150 -12.30 20.24 1.13
N GLN B 151 -12.65 19.61 0.02
CA GLN B 151 -13.49 18.41 0.00
C GLN B 151 -12.69 17.21 0.59
N GLY B 152 -13.36 16.39 1.40
CA GLY B 152 -12.74 15.18 1.94
C GLY B 152 -12.20 15.32 3.35
N TRP B 153 -11.99 16.57 3.76
CA TRP B 153 -11.65 16.91 5.14
C TRP B 153 -12.95 17.07 5.92
N LYS B 154 -13.02 16.41 7.07
CA LYS B 154 -14.21 16.45 7.92
C LYS B 154 -14.37 17.79 8.63
N GLY B 155 -13.32 18.60 8.69
CA GLY B 155 -13.45 19.97 9.19
C GLY B 155 -14.27 20.90 8.31
N SER B 156 -14.40 20.56 7.04
CA SER B 156 -15.12 21.42 6.10
C SER B 156 -16.63 21.51 6.35
N PRO B 157 -17.31 20.35 6.46
CA PRO B 157 -18.70 20.43 6.87
C PRO B 157 -18.87 20.98 8.28
N ALA B 158 -17.90 20.71 9.14
CA ALA B 158 -17.92 21.17 10.50
C ALA B 158 -17.97 22.69 10.53
N ILE B 159 -17.11 23.32 9.75
CA ILE B 159 -17.05 24.77 9.63
C ILE B 159 -18.27 25.34 8.88
N PHE B 160 -18.77 24.61 7.90
CA PHE B 160 -19.81 25.12 7.01
C PHE B 160 -21.24 24.90 7.52
N GLN B 161 -21.40 24.16 8.61
CA GLN B 161 -22.74 23.80 9.07
C GLN B 161 -23.61 25.03 9.41
N SER B 162 -23.00 26.09 9.93
CA SER B 162 -23.71 27.36 10.19
C SER B 162 -24.38 27.92 8.92
N SER B 163 -23.63 27.88 7.81
CA SER B 163 -24.16 28.33 6.51
C SER B 163 -25.10 27.32 5.89
N MET B 164 -24.81 26.03 6.06
CA MET B 164 -25.73 24.99 5.59
C MET B 164 -27.09 25.15 6.27
N THR B 165 -27.08 25.46 7.56
CA THR B 165 -28.32 25.60 8.32
C THR B 165 -29.19 26.73 7.78
N LYS B 166 -28.59 27.88 7.43
CA LYS B 166 -29.32 28.96 6.76
C LYS B 166 -29.93 28.50 5.46
N ILE B 167 -29.16 27.76 4.68
CA ILE B 167 -29.58 27.35 3.34
C ILE B 167 -30.79 26.42 3.43
N LEU B 168 -30.80 25.50 4.38
CA LEU B 168 -31.85 24.50 4.42
C LEU B 168 -33.05 24.94 5.26
N GLU B 169 -32.95 26.12 5.90
CA GLU B 169 -33.94 26.59 6.89
C GLU B 169 -35.37 26.67 6.33
N PRO B 170 -35.58 27.43 5.21
CA PRO B 170 -36.93 27.48 4.64
C PRO B 170 -37.45 26.12 4.22
N PHE B 171 -36.59 25.33 3.61
CA PHE B 171 -36.99 24.02 3.12
C PHE B 171 -37.38 23.06 4.25
N ARG B 172 -36.64 23.10 5.35
CA ARG B 172 -36.97 22.30 6.53
C ARG B 172 -38.30 22.77 7.11
N LYS B 173 -38.38 24.07 7.40
CA LYS B 173 -39.61 24.73 7.87
C LYS B 173 -40.82 24.30 7.04
N GLN B 174 -40.68 24.32 5.72
CA GLN B 174 -41.78 23.95 4.82
C GLN B 174 -42.01 22.46 4.71
N ASN B 175 -41.02 21.66 5.11
CA ASN B 175 -41.09 20.20 5.04
C ASN B 175 -40.58 19.59 6.34
N PRO B 176 -41.39 19.69 7.40
CA PRO B 176 -40.93 19.29 8.75
C PRO B 176 -40.73 17.78 8.96
N ASP B 177 -41.29 16.94 8.09
CA ASP B 177 -41.12 15.49 8.17
C ASP B 177 -40.04 14.91 7.21
N ILE B 178 -39.22 15.78 6.61
CA ILE B 178 -38.10 15.34 5.80
C ILE B 178 -36.88 15.55 6.67
N VAL B 179 -36.03 14.53 6.73
CA VAL B 179 -34.78 14.63 7.49
C VAL B 179 -33.59 14.81 6.53
N ILE B 180 -32.71 15.74 6.87
CA ILE B 180 -31.53 16.04 6.08
C ILE B 180 -30.35 15.97 6.98
N TYR B 181 -29.36 15.18 6.58
CA TYR B 181 -28.14 14.95 7.32
C TYR B 181 -26.95 15.21 6.43
N GLN B 182 -25.98 15.96 6.94
CA GLN B 182 -24.74 16.20 6.24
C GLN B 182 -23.65 15.27 6.78
N TYR B 183 -23.06 14.49 5.88
CA TYR B 183 -21.89 13.72 6.21
C TYR B 183 -20.85 14.03 5.16
N MET B 184 -19.75 14.61 5.61
CA MET B 184 -18.66 14.98 4.72
C MET B 184 -19.19 15.85 3.57
N ASP B 185 -19.06 15.45 2.30
CA ASP B 185 -19.46 16.31 1.17
C ASP B 185 -20.85 16.04 0.62
N ASP B 186 -21.66 15.25 1.33
CA ASP B 186 -22.97 14.86 0.81
C ASP B 186 -24.08 15.24 1.78
N LEU B 187 -25.24 15.55 1.23
CA LEU B 187 -26.49 15.64 2.00
C LEU B 187 -27.29 14.35 1.86
N TYR B 188 -27.77 13.84 2.98
CA TYR B 188 -28.63 12.67 3.01
C TYR B 188 -30.05 13.16 3.30
N VAL B 189 -30.96 12.91 2.35
CA VAL B 189 -32.29 13.48 2.40
C VAL B 189 -33.34 12.37 2.40
N GLY B 190 -33.97 12.18 3.56
CA GLY B 190 -34.99 11.11 3.73
C GLY B 190 -36.42 11.60 3.90
N SER B 191 -37.34 10.93 3.23
CA SER B 191 -38.78 11.17 3.47
C SER B 191 -39.53 9.84 3.45
N ASP B 192 -40.80 9.90 3.87
CA ASP B 192 -41.73 8.77 3.74
C ASP B 192 -42.69 8.95 2.56
N LEU B 193 -42.54 10.05 1.84
CA LEU B 193 -43.34 10.38 0.66
C LEU B 193 -43.33 9.26 -0.37
N GLU B 194 -44.37 9.23 -1.20
CA GLU B 194 -44.36 8.37 -2.38
C GLU B 194 -43.24 8.85 -3.33
N ILE B 195 -42.70 7.94 -4.13
CA ILE B 195 -41.39 8.15 -4.76
C ILE B 195 -41.35 9.32 -5.75
N GLY B 196 -42.44 9.54 -6.47
CA GLY B 196 -42.62 10.73 -7.33
C GLY B 196 -42.63 12.04 -6.56
N GLN B 197 -43.34 12.07 -5.43
CA GLN B 197 -43.34 13.27 -4.59
C GLN B 197 -41.98 13.44 -3.95
N HIS B 198 -41.36 12.31 -3.57
CA HIS B 198 -40.03 12.36 -2.97
C HIS B 198 -39.04 13.03 -3.93
N ARG B 199 -39.04 12.56 -5.18
CA ARG B 199 -38.15 13.10 -6.22
C ARG B 199 -38.46 14.56 -6.59
N THR B 200 -39.73 14.94 -6.49
CA THR B 200 -40.15 16.34 -6.65
C THR B 200 -39.54 17.20 -5.55
N LYS B 201 -39.54 16.71 -4.32
CA LYS B 201 -38.94 17.46 -3.20
C LYS B 201 -37.42 17.56 -3.27
N ILE B 202 -36.79 16.56 -3.87
CA ILE B 202 -35.34 16.57 -4.11
C ILE B 202 -34.99 17.67 -5.14
N GLU B 203 -35.73 17.69 -6.25
CA GLU B 203 -35.60 18.78 -7.22
C GLU B 203 -35.81 20.14 -6.58
N GLU B 204 -36.83 20.27 -5.73
CA GLU B 204 -37.06 21.50 -4.99
C GLU B 204 -35.84 21.92 -4.16
N LEU B 205 -35.33 20.98 -3.37
CA LEU B 205 -34.13 21.22 -2.57
C LEU B 205 -32.92 21.63 -3.42
N ARG B 206 -32.78 21.05 -4.60
CA ARG B 206 -31.68 21.41 -5.52
C ARG B 206 -31.75 22.89 -5.92
N GLN B 207 -32.97 23.36 -6.21
CA GLN B 207 -33.21 24.76 -6.51
C GLN B 207 -32.81 25.66 -5.36
N HIS B 208 -33.18 25.30 -4.14
CA HIS B 208 -32.74 26.05 -2.96
C HIS B 208 -31.23 26.15 -2.96
N LEU B 209 -30.55 25.01 -3.03
CA LEU B 209 -29.08 24.96 -3.02
C LEU B 209 -28.48 25.74 -4.19
N LEU B 210 -29.12 25.64 -5.36
CA LEU B 210 -28.68 26.38 -6.56
C LEU B 210 -28.62 27.90 -6.38
N ARG B 211 -29.50 28.48 -5.57
CA ARG B 211 -29.46 29.92 -5.28
C ARG B 211 -28.23 30.30 -4.46
N TRP B 212 -27.50 29.31 -3.94
CA TRP B 212 -26.23 29.59 -3.27
C TRP B 212 -25.04 28.96 -4.03
N GLY B 213 -25.24 28.63 -5.31
CA GLY B 213 -24.19 28.00 -6.14
C GLY B 213 -23.88 26.56 -5.79
N LEU B 214 -24.61 25.60 -6.37
CA LEU B 214 -24.42 24.18 -6.05
C LEU B 214 -24.80 23.20 -7.20
N THR B 215 -24.77 21.89 -6.89
CA THR B 215 -25.20 20.79 -7.77
C THR B 215 -25.86 21.23 -9.07
N TRP B 229 -24.04 0.11 -7.32
CA TRP B 229 -24.04 -0.37 -5.93
C TRP B 229 -25.04 0.36 -5.04
N MET B 230 -25.68 1.41 -5.57
CA MET B 230 -26.55 2.29 -4.77
C MET B 230 -27.99 2.31 -5.28
N GLY B 231 -28.16 2.48 -6.59
CA GLY B 231 -29.46 2.76 -7.16
C GLY B 231 -29.75 4.24 -7.11
N TYR B 232 -30.94 4.62 -7.56
CA TYR B 232 -31.38 6.02 -7.62
C TYR B 232 -31.49 6.58 -6.16
N GLU B 233 -32.37 5.98 -5.36
CA GLU B 233 -32.48 6.29 -3.94
C GLU B 233 -32.06 5.08 -3.10
N LEU B 234 -31.65 5.33 -1.86
CA LEU B 234 -31.57 4.28 -0.84
C LEU B 234 -32.97 4.03 -0.24
N HIS B 235 -33.20 2.84 0.30
CA HIS B 235 -34.49 2.51 0.92
C HIS B 235 -34.29 1.83 2.26
N PRO B 236 -33.90 2.60 3.29
CA PRO B 236 -33.36 2.03 4.52
C PRO B 236 -34.39 1.39 5.45
N ASP B 237 -35.64 1.87 5.45
CA ASP B 237 -36.69 1.19 6.21
C ASP B 237 -36.89 -0.27 5.73
N LYS B 238 -36.40 -0.59 4.52
CA LYS B 238 -36.42 -1.96 4.01
C LYS B 238 -35.08 -2.68 4.14
N TRP B 239 -34.16 -2.14 4.95
CA TRP B 239 -32.90 -2.82 5.20
C TRP B 239 -33.06 -3.89 6.27
N THR B 240 -32.40 -5.02 6.07
CA THR B 240 -32.61 -6.19 6.92
C THR B 240 -31.31 -6.75 7.48
N VAL B 241 -31.46 -7.76 8.31
CA VAL B 241 -30.35 -8.60 8.71
C VAL B 241 -30.35 -9.79 7.75
N GLN B 242 -29.18 -10.20 7.29
CA GLN B 242 -29.05 -11.46 6.59
C GLN B 242 -28.99 -12.56 7.68
N PRO B 243 -30.09 -13.34 7.82
CA PRO B 243 -30.05 -14.38 8.85
C PRO B 243 -29.06 -15.50 8.50
N ILE B 244 -28.22 -15.87 9.47
CA ILE B 244 -27.52 -17.14 9.43
C ILE B 244 -28.59 -18.18 9.13
N VAL B 245 -28.46 -18.87 8.01
CA VAL B 245 -29.55 -19.73 7.52
C VAL B 245 -29.23 -21.20 7.65
N LEU B 246 -30.11 -21.94 8.31
CA LEU B 246 -29.96 -23.38 8.47
C LEU B 246 -30.72 -24.06 7.34
N PRO B 247 -30.09 -25.05 6.68
CA PRO B 247 -30.78 -25.71 5.57
C PRO B 247 -31.97 -26.56 6.02
N GLU B 248 -32.96 -26.70 5.13
CA GLU B 248 -33.98 -27.72 5.27
C GLU B 248 -33.64 -28.84 4.31
N LYS B 249 -33.58 -30.06 4.85
CA LYS B 249 -33.14 -31.20 4.06
C LYS B 249 -34.12 -32.36 4.16
N ASP B 250 -34.45 -32.88 2.98
CA ASP B 250 -34.96 -34.22 2.76
C ASP B 250 -34.28 -35.26 3.66
N SER B 251 -32.97 -35.36 3.51
CA SER B 251 -32.17 -36.37 4.20
C SER B 251 -30.91 -35.74 4.77
N TRP B 252 -30.52 -36.18 5.96
CA TRP B 252 -29.36 -35.67 6.65
C TRP B 252 -28.27 -36.72 6.79
N THR B 253 -27.13 -36.46 6.16
CA THR B 253 -25.92 -37.28 6.36
C THR B 253 -25.18 -36.80 7.60
N VAL B 254 -24.15 -37.53 7.99
CA VAL B 254 -23.35 -37.17 9.17
C VAL B 254 -22.62 -35.84 8.93
N ASN B 255 -21.92 -35.76 7.80
CA ASN B 255 -21.32 -34.52 7.30
C ASN B 255 -22.27 -33.32 7.45
N ASP B 256 -23.51 -33.46 6.99
CA ASP B 256 -24.50 -32.39 7.06
C ASP B 256 -24.73 -31.89 8.49
N ILE B 257 -24.84 -32.82 9.44
CA ILE B 257 -25.13 -32.46 10.84
C ILE B 257 -23.89 -31.83 11.47
N GLN B 258 -22.72 -32.37 11.11
CA GLN B 258 -21.45 -31.72 11.46
C GLN B 258 -21.42 -30.23 11.04
N LYS B 259 -21.70 -29.97 9.76
CA LYS B 259 -21.78 -28.61 9.22
C LYS B 259 -22.76 -27.78 10.02
N LEU B 260 -23.90 -28.38 10.32
CA LEU B 260 -24.94 -27.72 11.09
C LEU B 260 -24.49 -27.39 12.51
N VAL B 261 -23.96 -28.39 13.21
CA VAL B 261 -23.37 -28.19 14.54
C VAL B 261 -22.27 -27.11 14.55
N GLY B 262 -21.50 -27.03 13.47
CA GLY B 262 -20.48 -25.98 13.34
C GLY B 262 -21.11 -24.61 13.26
N LYS B 263 -22.08 -24.44 12.37
CA LYS B 263 -22.82 -23.19 12.23
C LYS B 263 -23.44 -22.77 13.56
N LEU B 264 -24.11 -23.72 14.21
CA LEU B 264 -24.83 -23.45 15.43
C LEU B 264 -23.89 -23.18 16.59
N ASN B 265 -22.75 -23.87 16.62
CA ASN B 265 -21.75 -23.61 17.64
C ASN B 265 -21.24 -22.19 17.52
N TRP B 266 -21.05 -21.74 16.31
CA TRP B 266 -20.53 -20.40 16.12
C TRP B 266 -21.62 -19.31 16.32
N ALA B 267 -22.88 -19.60 15.96
CA ALA B 267 -23.99 -18.70 16.22
C ALA B 267 -24.28 -18.57 17.72
N SER B 268 -24.00 -19.62 18.48
CA SER B 268 -24.22 -19.62 19.94
C SER B 268 -23.34 -18.62 20.68
N GLN B 269 -22.32 -18.12 20.00
CA GLN B 269 -21.43 -17.10 20.55
C GLN B 269 -22.05 -15.71 20.42
N ILE B 270 -22.92 -15.54 19.42
CA ILE B 270 -23.52 -14.25 19.11
C ILE B 270 -24.91 -14.15 19.77
N TYR B 271 -25.71 -15.20 19.61
CA TYR B 271 -27.11 -15.19 20.02
C TYR B 271 -27.37 -15.97 21.31
N PRO B 272 -27.85 -15.27 22.36
CA PRO B 272 -28.40 -15.94 23.54
C PRO B 272 -29.55 -16.92 23.24
N GLY B 273 -29.36 -18.19 23.60
CA GLY B 273 -30.42 -19.19 23.53
C GLY B 273 -30.22 -20.31 22.53
N ILE B 274 -29.12 -20.28 21.78
CA ILE B 274 -28.84 -21.30 20.77
C ILE B 274 -28.54 -22.60 21.50
N LYS B 275 -28.94 -23.73 20.93
CA LYS B 275 -28.65 -25.02 21.53
C LYS B 275 -28.35 -26.09 20.47
N VAL B 276 -27.42 -27.00 20.82
CA VAL B 276 -26.92 -28.05 19.91
C VAL B 276 -26.87 -29.45 20.54
N ARG B 277 -27.04 -29.53 21.86
CA ARG B 277 -27.07 -30.80 22.60
C ARG B 277 -27.76 -31.94 21.84
N GLN B 278 -28.99 -31.67 21.39
CA GLN B 278 -29.81 -32.69 20.73
C GLN B 278 -29.19 -33.23 19.44
N LEU B 279 -28.67 -32.31 18.63
CA LEU B 279 -28.07 -32.66 17.34
C LEU B 279 -26.76 -33.43 17.50
N CYS B 280 -25.97 -33.09 18.50
CA CYS B 280 -24.72 -33.81 18.77
C CYS B 280 -24.97 -35.25 19.24
N LYS B 281 -26.11 -35.48 19.89
CA LYS B 281 -26.48 -36.83 20.30
C LYS B 281 -26.57 -37.75 19.07
N LEU B 282 -26.99 -37.20 17.93
CA LEU B 282 -27.10 -37.97 16.68
C LEU B 282 -25.77 -38.59 16.24
N LEU B 283 -24.69 -37.84 16.40
CA LEU B 283 -23.35 -38.24 15.97
C LEU B 283 -22.70 -39.12 17.03
N ARG B 284 -22.87 -40.44 16.90
CA ARG B 284 -22.62 -41.40 17.99
C ARG B 284 -21.15 -41.59 18.35
N GLY B 285 -20.33 -41.88 17.35
CA GLY B 285 -19.00 -42.41 17.57
C GLY B 285 -18.47 -43.07 16.31
N THR B 286 -17.78 -42.27 15.50
CA THR B 286 -16.94 -42.75 14.41
C THR B 286 -17.71 -43.32 13.21
N LYS B 287 -18.63 -42.53 12.66
CA LYS B 287 -19.39 -42.93 11.49
C LYS B 287 -18.77 -42.45 10.17
N ALA B 288 -19.25 -43.03 9.07
CA ALA B 288 -18.97 -42.54 7.75
C ALA B 288 -19.69 -41.20 7.55
N LEU B 289 -19.05 -40.31 6.81
CA LEU B 289 -19.57 -38.94 6.59
C LEU B 289 -20.82 -38.94 5.72
N THR B 290 -20.87 -39.87 4.78
CA THR B 290 -21.99 -40.01 3.86
C THR B 290 -23.24 -40.66 4.50
N GLU B 291 -23.08 -41.29 5.67
CA GLU B 291 -24.16 -42.07 6.27
C GLU B 291 -25.36 -41.22 6.62
N VAL B 292 -26.51 -41.50 6.00
CA VAL B 292 -27.75 -40.84 6.36
C VAL B 292 -28.16 -41.28 7.77
N ILE B 293 -28.74 -40.35 8.51
CA ILE B 293 -29.05 -40.54 9.92
C ILE B 293 -30.35 -39.81 10.25
N PRO B 294 -31.29 -40.51 10.92
CA PRO B 294 -32.64 -39.98 11.15
C PRO B 294 -32.69 -38.73 12.04
N LEU B 295 -33.62 -37.83 11.71
CA LEU B 295 -33.79 -36.58 12.42
C LEU B 295 -34.84 -36.71 13.55
N THR B 296 -34.36 -36.76 14.79
CA THR B 296 -35.20 -36.87 16.00
C THR B 296 -36.10 -35.65 16.29
N GLU B 297 -37.08 -35.86 17.18
CA GLU B 297 -38.07 -34.84 17.54
C GLU B 297 -37.48 -33.70 18.36
N GLU B 298 -36.59 -34.05 19.27
CA GLU B 298 -35.88 -33.06 20.09
C GLU B 298 -34.91 -32.27 19.22
N ALA B 299 -34.14 -33.00 18.39
CA ALA B 299 -33.23 -32.36 17.43
C ALA B 299 -34.00 -31.40 16.53
N GLU B 300 -35.17 -31.84 16.05
CA GLU B 300 -36.00 -31.02 15.18
C GLU B 300 -36.58 -29.77 15.86
N LEU B 301 -36.89 -29.88 17.15
CA LEU B 301 -37.41 -28.74 17.93
C LEU B 301 -36.31 -27.69 18.12
N GLU B 302 -35.18 -28.16 18.64
CA GLU B 302 -33.96 -27.37 18.81
C GLU B 302 -33.63 -26.60 17.53
N LEU B 303 -33.65 -27.34 16.42
CA LEU B 303 -33.43 -26.79 15.09
C LEU B 303 -34.43 -25.67 14.78
N ALA B 304 -35.72 -25.93 15.01
CA ALA B 304 -36.79 -24.96 14.75
C ALA B 304 -36.75 -23.74 15.67
N GLU B 305 -36.36 -23.96 16.92
CA GLU B 305 -36.24 -22.87 17.91
C GLU B 305 -34.98 -22.02 17.68
N ASN B 306 -33.95 -22.63 17.10
CA ASN B 306 -32.79 -21.89 16.62
C ASN B 306 -33.16 -20.95 15.48
N ARG B 307 -33.97 -21.44 14.54
CA ARG B 307 -34.37 -20.67 13.37
C ARG B 307 -35.07 -19.39 13.76
N GLU B 308 -36.01 -19.50 14.70
CA GLU B 308 -36.73 -18.33 15.22
C GLU B 308 -35.77 -17.29 15.82
N ILE B 309 -34.78 -17.77 16.58
CA ILE B 309 -33.79 -16.85 17.20
C ILE B 309 -32.99 -16.08 16.14
N LEU B 310 -32.61 -16.80 15.08
CA LEU B 310 -31.77 -16.22 14.01
C LEU B 310 -32.54 -15.23 13.10
N LYS B 311 -33.88 -15.31 13.12
CA LYS B 311 -34.73 -14.28 12.47
C LYS B 311 -34.66 -12.92 13.17
N GLU B 312 -34.42 -12.92 14.48
CA GLU B 312 -34.43 -11.70 15.27
C GLU B 312 -33.04 -11.04 15.36
N PRO B 313 -33.00 -9.74 15.68
CA PRO B 313 -31.69 -9.13 15.97
C PRO B 313 -31.05 -9.68 17.23
N VAL B 314 -29.75 -9.43 17.40
CA VAL B 314 -29.00 -9.98 18.51
C VAL B 314 -29.43 -9.28 19.80
N HIS B 315 -29.91 -10.06 20.78
CA HIS B 315 -30.22 -9.53 22.11
C HIS B 315 -28.92 -9.21 22.86
N GLY B 316 -28.79 -7.97 23.29
CA GLY B 316 -27.66 -7.56 24.12
C GLY B 316 -26.60 -6.70 23.43
N VAL B 317 -26.70 -6.54 22.12
CA VAL B 317 -25.70 -5.75 21.39
C VAL B 317 -26.29 -4.41 21.00
N TYR B 318 -25.56 -3.37 21.37
CA TYR B 318 -25.96 -1.99 21.14
C TYR B 318 -24.80 -1.18 20.62
N TYR B 319 -25.12 -0.17 19.80
CA TYR B 319 -24.11 0.75 19.31
C TYR B 319 -23.55 1.61 20.45
N ASP B 320 -22.22 1.62 20.56
CA ASP B 320 -21.51 2.47 21.50
C ASP B 320 -20.80 3.54 20.70
N PRO B 321 -21.24 4.81 20.81
CA PRO B 321 -20.65 5.93 20.04
C PRO B 321 -19.17 6.22 20.32
N SER B 322 -18.65 5.73 21.44
CA SER B 322 -17.24 5.92 21.79
C SER B 322 -16.29 4.85 21.21
N LYS B 323 -16.83 3.96 20.37
CA LYS B 323 -16.05 2.85 19.81
C LYS B 323 -16.14 2.85 18.29
N ASP B 324 -15.07 2.34 17.69
CA ASP B 324 -14.97 2.21 16.24
C ASP B 324 -15.84 1.06 15.77
N LEU B 325 -16.51 1.29 14.65
CA LEU B 325 -17.20 0.24 13.93
C LEU B 325 -16.19 -0.51 13.06
N ILE B 326 -16.30 -1.83 13.03
CA ILE B 326 -15.51 -2.59 12.08
C ILE B 326 -16.42 -3.41 11.16
N ALA B 327 -16.00 -3.58 9.89
CA ALA B 327 -16.75 -4.34 8.89
C ALA B 327 -15.89 -5.45 8.31
N GLU B 328 -16.41 -6.67 8.35
CA GLU B 328 -15.77 -7.82 7.74
C GLU B 328 -16.54 -8.24 6.48
N ILE B 329 -15.80 -8.61 5.43
CA ILE B 329 -16.41 -9.07 4.18
C ILE B 329 -15.88 -10.45 3.76
N GLN B 330 -16.78 -11.34 3.34
CA GLN B 330 -16.39 -12.63 2.77
C GLN B 330 -16.79 -12.74 1.30
N LYS B 331 -15.83 -13.17 0.48
CA LYS B 331 -16.10 -13.57 -0.89
C LYS B 331 -16.82 -14.92 -0.88
N GLN B 332 -18.06 -14.94 -1.37
CA GLN B 332 -18.90 -16.16 -1.39
C GLN B 332 -18.98 -16.88 -2.76
N GLY B 333 -18.29 -16.38 -3.79
CA GLY B 333 -18.37 -16.95 -5.14
C GLY B 333 -19.59 -16.49 -5.91
N GLN B 334 -19.52 -16.60 -7.24
CA GLN B 334 -20.66 -16.25 -8.12
C GLN B 334 -21.13 -14.81 -7.97
N GLY B 335 -20.18 -13.90 -7.73
CA GLY B 335 -20.51 -12.51 -7.58
C GLY B 335 -21.21 -12.15 -6.28
N GLN B 336 -21.11 -13.04 -5.30
CA GLN B 336 -21.79 -12.91 -4.02
C GLN B 336 -20.77 -12.63 -2.93
N TRP B 337 -21.10 -11.65 -2.10
CA TRP B 337 -20.28 -11.25 -0.97
C TRP B 337 -21.20 -11.11 0.24
N THR B 338 -20.70 -11.49 1.40
CA THR B 338 -21.42 -11.31 2.64
C THR B 338 -20.67 -10.34 3.51
N TYR B 339 -21.35 -9.68 4.44
CA TYR B 339 -20.66 -8.83 5.39
C TYR B 339 -21.32 -8.68 6.76
N GLN B 340 -20.49 -8.32 7.72
CA GLN B 340 -20.94 -8.12 9.09
C GLN B 340 -20.34 -6.82 9.57
N ILE B 341 -21.12 -6.07 10.35
CA ILE B 341 -20.64 -4.88 11.05
C ILE B 341 -20.85 -5.11 12.54
N TYR B 342 -19.79 -4.85 13.31
CA TYR B 342 -19.82 -4.96 14.75
C TYR B 342 -18.79 -4.00 15.37
N GLN B 343 -18.85 -3.83 16.68
CA GLN B 343 -17.83 -3.07 17.40
C GLN B 343 -16.98 -4.00 18.28
N GLU B 344 -17.61 -4.97 18.93
CA GLU B 344 -16.91 -6.10 19.55
C GLU B 344 -17.02 -7.30 18.62
N PRO B 345 -15.91 -8.05 18.46
CA PRO B 345 -15.89 -9.15 17.48
C PRO B 345 -17.08 -10.09 17.59
N PHE B 346 -17.70 -10.33 16.43
CA PHE B 346 -18.81 -11.27 16.29
C PHE B 346 -20.10 -10.87 17.04
N LYS B 347 -20.12 -9.67 17.64
CA LYS B 347 -21.34 -9.08 18.19
C LYS B 347 -21.98 -8.12 17.16
N ASN B 348 -22.67 -8.72 16.18
CA ASN B 348 -23.09 -8.01 14.97
C ASN B 348 -24.16 -6.94 15.17
N LEU B 349 -23.84 -5.70 14.76
CA LEU B 349 -24.83 -4.61 14.74
C LEU B 349 -25.67 -4.71 13.47
N LYS B 350 -25.05 -5.13 12.37
CA LYS B 350 -25.73 -5.38 11.10
C LYS B 350 -25.01 -6.46 10.34
N THR B 351 -25.74 -7.19 9.52
CA THR B 351 -25.15 -8.13 8.58
C THR B 351 -25.94 -8.05 7.30
N GLY B 352 -25.30 -8.41 6.18
CA GLY B 352 -25.97 -8.37 4.90
C GLY B 352 -25.22 -9.08 3.81
N LYS B 353 -25.56 -8.76 2.57
CA LYS B 353 -24.86 -9.30 1.42
C LYS B 353 -24.85 -8.31 0.27
N TYR B 354 -23.90 -8.50 -0.65
CA TYR B 354 -23.86 -7.72 -1.87
C TYR B 354 -23.74 -8.68 -3.02
N ALA B 355 -24.49 -8.42 -4.09
CA ALA B 355 -24.35 -9.13 -5.35
C ALA B 355 -24.62 -8.21 -6.54
N THR B 362 -17.86 -7.37 -12.28
CA THR B 362 -17.36 -8.28 -13.31
C THR B 362 -15.92 -8.84 -13.00
N ASN B 363 -15.15 -8.12 -12.20
CA ASN B 363 -14.01 -8.73 -11.54
C ASN B 363 -14.06 -8.58 -10.02
N ASP B 364 -13.20 -9.31 -9.33
CA ASP B 364 -13.21 -9.35 -7.88
C ASP B 364 -12.96 -8.01 -7.20
N VAL B 365 -12.03 -7.22 -7.73
CA VAL B 365 -11.66 -5.94 -7.09
C VAL B 365 -12.78 -4.94 -7.28
N LYS B 366 -13.36 -4.93 -8.46
CA LYS B 366 -14.47 -4.06 -8.77
C LYS B 366 -15.68 -4.35 -7.90
N GLN B 367 -16.06 -5.62 -7.82
CA GLN B 367 -17.14 -6.10 -6.93
C GLN B 367 -16.90 -5.70 -5.48
N LEU B 368 -15.68 -5.95 -5.00
CA LEU B 368 -15.30 -5.64 -3.63
C LEU B 368 -15.41 -4.14 -3.33
N THR B 369 -14.97 -3.29 -4.25
CA THR B 369 -15.07 -1.83 -4.05
C THR B 369 -16.51 -1.38 -3.98
N GLU B 370 -17.37 -2.00 -4.79
CA GLU B 370 -18.79 -1.69 -4.80
C GLU B 370 -19.45 -2.04 -3.47
N ALA B 371 -19.06 -3.18 -2.91
CA ALA B 371 -19.54 -3.63 -1.61
C ALA B 371 -19.06 -2.71 -0.50
N VAL B 372 -17.79 -2.29 -0.59
CA VAL B 372 -17.26 -1.38 0.43
C VAL B 372 -18.06 -0.08 0.45
N GLN B 373 -18.40 0.42 -0.73
CA GLN B 373 -19.10 1.70 -0.84
C GLN B 373 -20.54 1.54 -0.37
N LYS B 374 -21.18 0.44 -0.75
CA LYS B 374 -22.51 0.13 -0.25
C LYS B 374 -22.57 0.02 1.28
N ILE B 375 -21.65 -0.74 1.86
CA ILE B 375 -21.62 -0.95 3.32
C ILE B 375 -21.30 0.33 4.06
N THR B 376 -20.36 1.12 3.54
CA THR B 376 -20.05 2.45 4.10
C THR B 376 -21.27 3.37 4.11
N THR B 377 -21.98 3.45 2.98
CA THR B 377 -23.17 4.31 2.86
C THR B 377 -24.22 3.91 3.90
N GLU B 378 -24.46 2.61 4.07
CA GLU B 378 -25.41 2.13 5.06
C GLU B 378 -25.01 2.56 6.45
N SER B 379 -23.72 2.42 6.74
CA SER B 379 -23.16 2.77 8.02
C SER B 379 -23.31 4.28 8.35
N ILE B 380 -23.08 5.13 7.34
CA ILE B 380 -23.30 6.57 7.50
C ILE B 380 -24.77 6.86 7.84
N VAL B 381 -25.68 6.21 7.13
CA VAL B 381 -27.11 6.41 7.33
C VAL B 381 -27.58 5.93 8.70
N ILE B 382 -27.12 4.75 9.11
CA ILE B 382 -27.47 4.17 10.42
C ILE B 382 -26.78 4.84 11.60
N TRP B 383 -25.46 4.99 11.56
CA TRP B 383 -24.71 5.50 12.74
C TRP B 383 -24.06 6.87 12.58
N GLY B 384 -24.05 7.40 11.38
CA GLY B 384 -23.34 8.66 11.13
C GLY B 384 -21.83 8.49 11.17
N LYS B 385 -21.35 7.27 11.03
CA LYS B 385 -19.94 7.07 10.77
C LYS B 385 -19.62 5.85 9.90
N THR B 386 -18.37 5.79 9.49
CA THR B 386 -17.87 4.74 8.59
C THR B 386 -17.16 3.64 9.38
N PRO B 387 -17.24 2.40 8.88
CA PRO B 387 -16.46 1.34 9.52
C PRO B 387 -15.02 1.28 9.01
N LYS B 388 -14.13 0.70 9.83
CA LYS B 388 -12.84 0.23 9.37
C LYS B 388 -13.03 -1.15 8.76
N PHE B 389 -12.64 -1.30 7.50
CA PHE B 389 -12.83 -2.55 6.78
C PHE B 389 -11.69 -3.56 6.94
N LYS B 390 -12.09 -4.82 7.02
CA LYS B 390 -11.17 -5.94 6.94
C LYS B 390 -11.35 -6.59 5.58
N LEU B 391 -10.40 -6.36 4.68
CA LEU B 391 -10.58 -6.66 3.25
C LEU B 391 -9.81 -7.92 2.81
N PRO B 392 -10.54 -8.91 2.25
CA PRO B 392 -9.96 -10.19 1.84
C PRO B 392 -9.24 -10.09 0.50
N ILE B 393 -8.10 -9.42 0.48
CA ILE B 393 -7.40 -9.12 -0.74
C ILE B 393 -5.97 -8.73 -0.37
N GLN B 394 -5.04 -8.90 -1.32
CA GLN B 394 -3.64 -8.47 -1.19
C GLN B 394 -3.61 -6.96 -1.22
N LYS B 395 -2.87 -6.40 -0.26
CA LYS B 395 -2.74 -4.95 -0.10
C LYS B 395 -2.41 -4.24 -1.40
N GLU B 396 -1.40 -4.76 -2.10
CA GLU B 396 -0.85 -4.10 -3.28
C GLU B 396 -1.83 -4.11 -4.43
N THR B 397 -2.59 -5.20 -4.55
CA THR B 397 -3.65 -5.28 -5.59
C THR B 397 -4.75 -4.27 -5.35
N TRP B 398 -5.24 -4.26 -4.11
CA TRP B 398 -6.27 -3.30 -3.74
C TRP B 398 -5.72 -1.90 -4.00
N GLU B 399 -4.54 -1.63 -3.47
CA GLU B 399 -4.00 -0.27 -3.61
C GLU B 399 -3.68 0.12 -5.06
N THR B 400 -3.39 -0.85 -5.93
CA THR B 400 -3.23 -0.56 -7.38
C THR B 400 -4.54 -0.25 -8.06
N TRP B 401 -5.59 -0.96 -7.69
CA TRP B 401 -6.79 -1.00 -8.52
C TRP B 401 -8.01 -0.24 -8.00
N TRP B 402 -8.09 0.05 -6.71
CA TRP B 402 -9.39 0.50 -6.14
C TRP B 402 -9.97 1.78 -6.77
N THR B 403 -9.11 2.76 -7.07
CA THR B 403 -9.56 4.06 -7.62
C THR B 403 -10.10 3.91 -9.03
N GLU B 404 -9.78 2.78 -9.65
CA GLU B 404 -10.25 2.43 -10.98
C GLU B 404 -11.78 2.29 -11.01
N TYR B 405 -12.37 2.00 -9.85
CA TYR B 405 -13.83 1.81 -9.78
C TYR B 405 -14.52 2.66 -8.71
N TRP B 406 -13.73 3.22 -7.77
CA TRP B 406 -14.24 4.07 -6.69
C TRP B 406 -14.99 5.27 -7.23
N GLN B 407 -16.18 5.51 -6.67
CA GLN B 407 -17.04 6.60 -7.05
C GLN B 407 -17.40 7.55 -5.90
N ALA B 408 -17.20 7.14 -4.64
CA ALA B 408 -17.56 7.95 -3.47
C ALA B 408 -16.60 9.13 -3.32
N THR B 409 -16.95 10.10 -2.47
CA THR B 409 -16.08 11.24 -2.21
C THR B 409 -15.38 11.15 -0.86
N TRP B 410 -15.77 10.17 -0.06
CA TRP B 410 -15.04 9.77 1.13
C TRP B 410 -14.25 8.46 0.88
N ILE B 411 -13.37 8.14 1.81
CA ILE B 411 -12.63 6.89 1.79
C ILE B 411 -12.61 6.34 3.23
N PRO B 412 -13.14 5.12 3.45
CA PRO B 412 -13.02 4.54 4.77
C PRO B 412 -11.61 4.01 5.09
N GLU B 413 -11.37 3.80 6.36
CA GLU B 413 -10.16 3.14 6.83
C GLU B 413 -10.30 1.67 6.47
N TRP B 414 -9.19 1.06 6.06
CA TRP B 414 -9.19 -0.36 5.78
C TRP B 414 -7.87 -0.97 6.23
N GLU B 415 -7.89 -2.28 6.40
CA GLU B 415 -6.70 -3.07 6.54
C GLU B 415 -6.92 -4.33 5.73
N PHE B 416 -5.90 -5.17 5.67
CA PHE B 416 -5.91 -6.30 4.73
C PHE B 416 -5.83 -7.60 5.50
N VAL B 417 -6.72 -8.52 5.16
CA VAL B 417 -6.96 -9.67 6.02
C VAL B 417 -7.08 -10.97 5.24
N ASN B 418 -6.73 -12.07 5.91
CA ASN B 418 -7.01 -13.39 5.41
C ASN B 418 -8.32 -13.89 6.01
N THR B 419 -9.33 -14.10 5.18
CA THR B 419 -10.61 -14.62 5.67
C THR B 419 -10.41 -16.04 6.26
N PRO B 420 -10.72 -16.22 7.55
CA PRO B 420 -10.77 -17.59 8.07
C PRO B 420 -11.78 -18.37 7.24
N PRO B 421 -11.43 -19.59 6.82
CA PRO B 421 -12.23 -20.25 5.77
C PRO B 421 -13.61 -20.70 6.27
N LEU B 422 -13.71 -20.85 7.59
CA LEU B 422 -14.92 -21.30 8.21
C LEU B 422 -15.95 -20.17 8.33
N VAL B 423 -15.50 -18.97 8.72
CA VAL B 423 -16.46 -17.85 8.87
C VAL B 423 -17.24 -17.66 7.57
N LYS B 424 -16.59 -17.84 6.42
CA LYS B 424 -17.28 -17.77 5.13
C LYS B 424 -18.42 -18.78 5.03
N LEU B 425 -18.18 -19.96 5.59
CA LEU B 425 -19.13 -21.07 5.52
C LEU B 425 -20.38 -20.80 6.35
N TRP B 426 -20.22 -20.08 7.44
CA TRP B 426 -21.30 -19.87 8.38
C TRP B 426 -22.25 -18.76 7.91
N TYR B 427 -21.78 -17.89 7.02
CA TYR B 427 -22.60 -16.80 6.48
C TYR B 427 -23.16 -17.06 5.09
N GLN B 428 -23.18 -18.34 4.70
CA GLN B 428 -23.81 -18.88 3.49
C GLN B 428 -22.70 -19.32 2.56
N19 PZL C . 23.90 11.23 -17.43
C16 PZL C . 22.84 11.29 -17.88
C13 PZL C . 21.60 11.27 -18.20
C12 PZL C . 20.72 10.69 -17.31
C11 PZL C . 19.36 10.67 -17.60
CL15 PZL C . 18.21 9.90 -16.49
C10 PZL C . 18.89 11.21 -18.77
C14 PZL C . 21.13 11.82 -19.39
C9 PZL C . 19.76 11.79 -19.66
O8 PZL C . 19.24 12.36 -20.81
C3 PZL C . 18.41 11.71 -21.66
C4 PZL C . 17.24 12.33 -21.93
BR17 PZL C . 17.01 13.97 -21.03
C2 PZL C . 18.71 10.49 -22.23
F5 PZL C . 19.87 9.93 -21.92
C6 PZL C . 17.78 9.89 -23.08
C7 PZL C . 16.59 10.55 -23.36
C1 PZL C . 16.29 11.77 -22.78
C18 PZL C . 18.06 8.58 -23.79
C26 PZL C . 18.69 9.07 -25.07
N27 PZL C . 18.03 9.43 -26.21
N28 PZL C . 18.95 9.87 -27.17
C24 PZL C . 20.15 9.79 -26.59
N20 PZL C . 21.36 10.12 -27.12
C25 PZL C . 20.02 9.31 -25.31
C23 PZL C . 21.15 9.14 -24.52
C22 PZL C . 22.40 9.47 -25.04
N21 PZL C . 22.50 9.95 -26.30
#